data_4BJR
#
_entry.id   4BJR
#
_cell.length_a   63.840
_cell.length_b   84.020
_cell.length_c   215.110
_cell.angle_alpha   90.00
_cell.angle_beta   90.00
_cell.angle_gamma   90.00
#
_symmetry.space_group_name_H-M   'P 21 21 21'
#
loop_
_entity.id
_entity.type
_entity.pdbx_description
1 polymer 'PUP--PROTEIN LIGASE, PROKARYOTIC UBIQUITIN-LIKE PROTEIN PUP'
2 non-polymer "ADENOSINE-5'-TRIPHOSPHATE"
3 non-polymer 'MAGNESIUM ION'
4 water water
#
_entity_poly.entity_id   1
_entity_poly.type   'polypeptide(L)'
_entity_poly.pdbx_seq_one_letter_code
;GLKSTVESALTRRIMGIETEYGLTFVDGDSKKLRPDEIARRMFRPIVEKYSSSNIFIPNGSRLYLNVGSHPEYATAECDN
LTQLINFEKAGDVIADRMAVDAEESLAKEDIAGQVYLFKNNVDSVGNSYGCHENYLVGRSMPLKALGKRLMPFLITRQLI
CGAGRIHHPNPLDKGESFPLGYCISQRSDHVWEGVSSATTRSRPIINTRDEPHADSHSYRRLHVIVGDANMAEPSIALKV
GSTLLVLEMIEADFGLPSLELANDIASIREISRDATGSTLLSLKDGTTMTALQIQQVVFEHASKWLEQRPEPEFSGTSNT
EMARVLDLWGRMLKAIESGDFSEVDTEIDWVIKKKLIDRFIQRGNLGLDDPKLAQVDLTYHDIRPGRGLFSVLQSRGMIK
RWTTDEAILAAVDTAPDTTRAHLRGRILKAADTLGVPVTVDWMRHKVNRPEPQSVELGDPFSAVNSEVDQLIEYMTVHAE
SYRSGSASGTSLLDEIDGLLENNAEEFVRSYVQKGGE
;
_entity_poly.pdbx_strand_id   A,B
#
# COMPACT_ATOMS: atom_id res chain seq x y z
N THR A 5 -32.47 -24.41 10.70
CA THR A 5 -32.19 -23.58 9.54
C THR A 5 -30.78 -23.02 9.57
N VAL A 6 -29.83 -23.80 9.05
CA VAL A 6 -28.44 -23.40 9.03
C VAL A 6 -28.21 -22.21 8.10
N GLU A 7 -29.02 -22.12 7.05
CA GLU A 7 -28.89 -21.08 6.04
C GLU A 7 -29.09 -19.68 6.60
N SER A 8 -29.93 -19.58 7.62
CA SER A 8 -30.29 -18.29 8.21
C SER A 8 -29.14 -17.54 8.85
N ALA A 9 -28.18 -18.26 9.41
CA ALA A 9 -27.03 -17.63 10.06
C ALA A 9 -26.30 -16.68 9.14
N LEU A 10 -25.88 -15.54 9.65
CA LEU A 10 -25.25 -14.57 8.78
C LEU A 10 -23.77 -14.83 8.77
N THR A 11 -23.35 -15.49 7.71
CA THR A 11 -21.98 -15.88 7.54
C THR A 11 -21.21 -14.69 7.03
N ARG A 12 -21.87 -13.92 6.19
CA ARG A 12 -21.36 -12.64 5.75
C ARG A 12 -22.10 -11.56 6.50
N ARG A 13 -21.38 -10.88 7.39
CA ARG A 13 -21.97 -9.92 8.29
C ARG A 13 -21.15 -8.65 8.33
N ILE A 14 -21.80 -7.51 8.45
CA ILE A 14 -21.09 -6.25 8.61
C ILE A 14 -20.61 -6.08 10.05
N MET A 15 -19.33 -5.80 10.21
CA MET A 15 -18.77 -5.55 11.52
C MET A 15 -17.84 -4.36 11.52
N GLY A 16 -17.83 -3.60 12.61
CA GLY A 16 -16.91 -2.50 12.74
C GLY A 16 -16.34 -2.36 14.13
N ILE A 17 -15.22 -1.66 14.24
CA ILE A 17 -14.60 -1.42 15.54
C ILE A 17 -14.40 0.06 15.81
N GLU A 18 -14.76 0.48 17.02
CA GLU A 18 -14.53 1.83 17.46
C GLU A 18 -13.40 1.85 18.46
N THR A 19 -12.32 2.54 18.14
CA THR A 19 -11.16 2.56 19.01
C THR A 19 -10.88 3.96 19.54
N GLU A 20 -10.82 4.06 20.86
CA GLU A 20 -10.49 5.29 21.53
C GLU A 20 -9.07 5.20 22.03
N TYR A 21 -8.23 6.15 21.67
CA TYR A 21 -6.83 6.05 22.03
C TYR A 21 -6.46 6.93 23.21
N GLY A 22 -5.73 6.34 24.15
CA GLY A 22 -5.10 7.09 25.21
C GLY A 22 -4.05 7.97 24.57
N LEU A 23 -3.96 9.21 25.00
CA LEU A 23 -3.04 10.14 24.38
C LEU A 23 -2.31 10.96 25.42
N THR A 24 -1.00 11.07 25.30
CA THR A 24 -0.28 11.97 26.17
C THR A 24 0.94 12.56 25.49
N PHE A 25 1.35 13.74 25.94
CA PHE A 25 2.56 14.37 25.45
C PHE A 25 3.54 14.58 26.58
N VAL A 26 4.68 13.90 26.54
CA VAL A 26 5.61 13.93 27.64
C VAL A 26 7.08 14.20 27.30
N ASP A 27 7.64 15.19 27.96
CA ASP A 27 9.08 15.29 28.13
C ASP A 27 9.43 14.36 29.25
N GLY A 28 10.70 13.97 29.37
CA GLY A 28 11.08 13.11 30.47
C GLY A 28 10.69 13.72 31.80
N ASP A 29 10.03 12.92 32.63
CA ASP A 29 9.67 13.26 34.02
C ASP A 29 8.47 14.20 34.15
N SER A 30 7.88 14.59 33.03
CA SER A 30 6.72 15.48 33.08
C SER A 30 5.87 15.38 31.83
N LYS A 31 4.67 15.90 31.91
CA LYS A 31 3.84 16.04 30.73
C LYS A 31 3.90 17.47 30.22
N LYS A 32 4.39 17.61 29.00
CA LYS A 32 4.56 18.91 28.38
C LYS A 32 3.22 19.56 28.12
N LEU A 33 2.24 18.74 27.78
CA LEU A 33 0.96 19.28 27.37
C LEU A 33 -0.22 18.57 27.98
N ARG A 34 -1.32 19.29 28.05
CA ARG A 34 -2.60 18.72 28.43
C ARG A 34 -3.06 17.82 27.30
N PRO A 35 -3.79 16.75 27.63
CA PRO A 35 -4.26 15.84 26.60
C PRO A 35 -5.13 16.52 25.56
N ASP A 36 -5.98 17.45 25.98
CA ASP A 36 -6.79 18.20 25.05
C ASP A 36 -5.92 19.05 24.13
N GLU A 37 -4.85 19.61 24.67
CA GLU A 37 -3.95 20.44 23.89
C GLU A 37 -3.22 19.67 22.82
N ILE A 38 -2.66 18.53 23.19
CA ILE A 38 -1.94 17.69 22.25
C ILE A 38 -2.92 17.11 21.24
N ALA A 39 -4.14 16.83 21.68
CA ALA A 39 -5.17 16.33 20.77
C ALA A 39 -5.49 17.35 19.70
N ARG A 40 -5.67 18.58 20.14
CA ARG A 40 -5.94 19.66 19.21
C ARG A 40 -4.77 19.83 18.28
N ARG A 41 -3.57 19.64 18.81
CA ARG A 41 -2.40 19.75 17.97
C ARG A 41 -2.38 18.73 16.86
N MET A 42 -2.75 17.51 17.20
CA MET A 42 -2.74 16.43 16.27
C MET A 42 -3.77 16.61 15.15
N PHE A 43 -4.92 17.19 15.47
CA PHE A 43 -6.00 17.32 14.51
C PHE A 43 -5.93 18.63 13.75
N ARG A 44 -4.88 19.39 14.03
CA ARG A 44 -4.70 20.71 13.49
C ARG A 44 -4.72 20.72 11.95
N PRO A 45 -4.01 19.79 11.29
CA PRO A 45 -4.10 19.80 9.83
C PRO A 45 -5.49 19.48 9.32
N ILE A 46 -6.14 18.52 9.95
CA ILE A 46 -7.46 18.11 9.55
C ILE A 46 -8.42 19.25 9.70
N VAL A 47 -8.34 19.94 10.83
CA VAL A 47 -9.23 21.06 11.07
C VAL A 47 -8.95 22.18 10.07
N GLU A 48 -7.67 22.37 9.74
CA GLU A 48 -7.35 23.39 8.76
C GLU A 48 -7.97 23.06 7.41
N LYS A 49 -7.89 21.81 7.01
CA LYS A 49 -8.40 21.45 5.69
C LYS A 49 -9.91 21.43 5.62
N TYR A 50 -10.54 20.68 6.50
CA TYR A 50 -11.99 20.47 6.44
C TYR A 50 -12.82 21.30 7.40
N SER A 51 -12.16 22.07 8.25
CA SER A 51 -12.84 22.93 9.21
C SER A 51 -13.61 22.11 10.23
N SER A 52 -13.27 20.84 10.34
CA SER A 52 -13.88 19.96 11.31
C SER A 52 -12.85 19.06 11.97
N SER A 53 -13.02 18.83 13.26
CA SER A 53 -12.26 17.82 13.97
C SER A 53 -12.71 16.43 13.57
N ASN A 54 -13.97 16.31 13.15
CA ASN A 54 -14.56 15.05 12.77
C ASN A 54 -14.71 14.86 11.26
N ILE A 55 -14.06 13.84 10.72
CA ILE A 55 -14.07 13.59 9.28
C ILE A 55 -14.02 12.11 8.90
N PHE A 56 -14.37 11.85 7.65
CA PHE A 56 -14.28 10.52 7.06
C PHE A 56 -13.10 10.50 6.09
N ILE A 57 -12.17 9.59 6.31
CA ILE A 57 -10.99 9.48 5.45
C ILE A 57 -11.26 8.56 4.26
N PRO A 58 -10.43 8.65 3.21
CA PRO A 58 -10.66 7.91 1.97
C PRO A 58 -10.81 6.40 2.11
N ASN A 59 -10.20 5.78 3.10
CA ASN A 59 -10.42 4.36 3.31
C ASN A 59 -11.83 4.05 3.78
N GLY A 60 -12.56 5.07 4.22
CA GLY A 60 -13.96 4.93 4.55
C GLY A 60 -14.24 4.88 6.04
N SER A 61 -13.16 4.90 6.81
CA SER A 61 -13.24 4.95 8.24
C SER A 61 -13.50 6.35 8.76
N ARG A 62 -14.05 6.44 9.95
CA ARG A 62 -14.33 7.72 10.56
C ARG A 62 -13.25 8.06 11.57
N LEU A 63 -12.67 9.25 11.42
CA LEU A 63 -11.64 9.71 12.34
C LEU A 63 -12.07 11.00 13.03
N TYR A 64 -12.13 11.00 14.35
CA TYR A 64 -12.59 12.20 15.03
C TYR A 64 -12.08 12.40 16.43
N LEU A 65 -12.27 13.61 16.92
CA LEU A 65 -11.85 13.96 18.26
C LEU A 65 -13.03 13.81 19.19
N ASN A 66 -12.84 12.96 20.20
CA ASN A 66 -13.88 12.60 21.15
C ASN A 66 -14.23 13.70 22.12
N VAL A 67 -15.41 13.56 22.71
CA VAL A 67 -15.81 14.46 23.78
C VAL A 67 -14.84 14.29 24.93
N GLY A 68 -14.38 13.05 25.12
CA GLY A 68 -13.41 12.71 26.13
C GLY A 68 -12.05 13.31 25.86
N SER A 69 -11.90 13.89 24.66
CA SER A 69 -10.67 14.48 24.15
C SER A 69 -9.79 13.42 23.51
N HIS A 70 -10.29 12.20 23.48
CA HIS A 70 -9.61 11.10 22.82
C HIS A 70 -9.67 11.12 21.31
N PRO A 71 -8.55 10.88 20.64
CA PRO A 71 -8.68 10.57 19.23
C PRO A 71 -9.36 9.21 19.07
N GLU A 72 -10.36 9.18 18.20
CA GLU A 72 -11.15 7.99 17.97
C GLU A 72 -11.18 7.60 16.51
N TYR A 73 -10.94 6.32 16.27
CA TYR A 73 -10.95 5.75 14.94
C TYR A 73 -12.02 4.68 14.86
N ALA A 74 -12.96 4.85 13.95
CA ALA A 74 -14.01 3.87 13.75
C ALA A 74 -13.82 3.25 12.40
N THR A 75 -13.68 1.94 12.36
CA THR A 75 -13.35 1.27 11.13
C THR A 75 -14.46 1.37 10.13
N ALA A 76 -14.08 1.33 8.87
CA ALA A 76 -15.02 1.19 7.80
C ALA A 76 -15.69 -0.15 7.94
N GLU A 77 -16.88 -0.28 7.39
CA GLU A 77 -17.61 -1.53 7.47
C GLU A 77 -16.82 -2.63 6.81
N CYS A 78 -16.71 -3.75 7.51
CA CYS A 78 -15.99 -4.91 7.01
C CYS A 78 -16.87 -6.15 7.10
N ASP A 79 -16.87 -6.95 6.05
CA ASP A 79 -17.60 -8.21 6.04
C ASP A 79 -16.75 -9.44 6.35
N ASN A 80 -15.45 -9.24 6.51
CA ASN A 80 -14.49 -10.30 6.75
C ASN A 80 -13.60 -10.01 7.94
N LEU A 81 -13.28 -11.03 8.71
CA LEU A 81 -12.55 -10.86 9.95
C LEU A 81 -11.13 -10.36 9.78
N THR A 82 -10.41 -10.96 8.85
CA THR A 82 -9.04 -10.57 8.57
C THR A 82 -9.02 -9.13 8.09
N GLN A 83 -10.05 -8.80 7.33
CA GLN A 83 -10.22 -7.46 6.80
C GLN A 83 -10.36 -6.47 7.94
N LEU A 84 -11.20 -6.83 8.90
CA LEU A 84 -11.47 -5.99 10.05
C LEU A 84 -10.20 -5.74 10.81
N ILE A 85 -9.43 -6.80 10.99
CA ILE A 85 -8.16 -6.68 11.68
C ILE A 85 -7.25 -5.73 10.92
N ASN A 86 -7.22 -5.87 9.60
CA ASN A 86 -6.37 -5.03 8.78
C ASN A 86 -6.67 -3.56 8.98
N PHE A 87 -7.95 -3.22 8.94
CA PHE A 87 -8.33 -1.83 9.08
C PHE A 87 -8.16 -1.29 10.49
N GLU A 88 -8.39 -2.13 11.49
CA GLU A 88 -8.14 -1.71 12.86
C GLU A 88 -6.68 -1.37 13.05
N LYS A 89 -5.79 -2.17 12.49
CA LYS A 89 -4.37 -1.88 12.53
C LYS A 89 -4.02 -0.62 11.72
N ALA A 90 -4.72 -0.44 10.62
CA ALA A 90 -4.52 0.71 9.77
C ALA A 90 -4.75 1.98 10.57
N GLY A 91 -5.70 1.92 11.49
CA GLY A 91 -5.97 3.06 12.34
C GLY A 91 -4.78 3.44 13.17
N ASP A 92 -4.04 2.45 13.61
CA ASP A 92 -2.84 2.66 14.37
C ASP A 92 -1.82 3.37 13.53
N VAL A 93 -1.70 2.93 12.27
CA VAL A 93 -0.74 3.58 11.40
C VAL A 93 -1.04 5.05 11.20
N ILE A 94 -2.29 5.35 10.91
CA ILE A 94 -2.68 6.73 10.66
C ILE A 94 -2.49 7.61 11.88
N ALA A 95 -2.94 7.10 13.02
CA ALA A 95 -2.86 7.86 14.24
C ALA A 95 -1.41 8.16 14.60
N ASP A 96 -0.56 7.17 14.43
CA ASP A 96 0.84 7.38 14.74
C ASP A 96 1.44 8.44 13.82
N ARG A 97 1.04 8.42 12.55
CA ARG A 97 1.56 9.44 11.65
C ARG A 97 1.17 10.82 12.15
N MET A 98 -0.07 10.95 12.58
CA MET A 98 -0.56 12.21 13.09
C MET A 98 0.26 12.65 14.30
N ALA A 99 0.58 11.70 15.15
CA ALA A 99 1.37 11.98 16.34
C ALA A 99 2.75 12.50 16.00
N VAL A 100 3.41 11.85 15.05
CA VAL A 100 4.74 12.28 14.66
C VAL A 100 4.72 13.68 14.09
N ASP A 101 3.71 13.97 13.28
CA ASP A 101 3.60 15.30 12.72
C ASP A 101 3.45 16.34 13.81
N ALA A 102 2.66 16.00 14.83
CA ALA A 102 2.50 16.91 15.96
C ALA A 102 3.82 17.14 16.67
N GLU A 103 4.61 16.08 16.82
CA GLU A 103 5.89 16.21 17.48
C GLU A 103 6.78 17.15 16.73
N GLU A 104 6.84 16.99 15.41
CA GLU A 104 7.72 17.83 14.61
C GLU A 104 7.28 19.28 14.63
N SER A 105 5.98 19.50 14.53
CA SER A 105 5.49 20.86 14.55
C SER A 105 5.77 21.53 15.88
N LEU A 106 5.60 20.81 16.97
CA LEU A 106 5.94 21.37 18.28
C LEU A 106 7.43 21.59 18.43
N ALA A 107 8.22 20.71 17.82
CA ALA A 107 9.67 20.81 17.86
C ALA A 107 10.14 22.09 17.20
N LYS A 108 9.52 22.42 16.08
CA LYS A 108 9.83 23.66 15.40
C LYS A 108 9.53 24.83 16.32
N GLU A 109 8.52 24.65 17.14
CA GLU A 109 8.08 25.65 18.10
C GLU A 109 8.95 25.76 19.33
N ASP A 110 9.96 24.90 19.41
CA ASP A 110 10.90 24.85 20.53
C ASP A 110 10.34 24.01 21.68
N ILE A 111 9.16 23.44 21.48
CA ILE A 111 8.58 22.55 22.47
C ILE A 111 8.97 21.11 22.21
N ALA A 112 9.67 20.53 23.17
CA ALA A 112 10.22 19.19 23.02
C ALA A 112 9.46 18.14 23.82
N GLY A 113 9.01 17.10 23.13
CA GLY A 113 8.32 16.01 23.77
C GLY A 113 8.13 14.81 22.85
N GLN A 114 7.64 13.72 23.41
CA GLN A 114 7.27 12.57 22.62
C GLN A 114 5.80 12.28 22.81
N VAL A 115 5.08 12.07 21.71
CA VAL A 115 3.69 11.67 21.81
C VAL A 115 3.55 10.18 22.10
N TYR A 116 2.64 9.85 22.99
CA TYR A 116 2.31 8.47 23.29
C TYR A 116 0.86 8.24 23.01
N LEU A 117 0.59 7.27 22.14
CA LEU A 117 -0.76 6.82 21.86
C LEU A 117 -0.88 5.39 22.32
N PHE A 118 -1.84 5.16 23.19
CA PHE A 118 -2.03 3.85 23.78
C PHE A 118 -3.31 3.24 23.31
N LYS A 119 -3.24 2.01 22.83
CA LYS A 119 -4.45 1.28 22.57
C LYS A 119 -4.64 0.42 23.80
N ASN A 120 -5.37 0.98 24.74
CA ASN A 120 -5.57 0.36 26.02
C ASN A 120 -6.81 0.97 26.62
N ASN A 121 -7.33 0.38 27.67
CA ASN A 121 -8.52 0.95 28.29
C ASN A 121 -8.42 1.75 29.59
N VAL A 122 -7.25 1.86 30.21
CA VAL A 122 -7.20 2.52 31.53
C VAL A 122 -6.02 3.45 31.75
N ASP A 123 -6.15 4.26 32.79
CA ASP A 123 -5.11 5.18 33.21
C ASP A 123 -4.79 4.98 34.68
N SER A 124 -3.72 5.60 35.14
CA SER A 124 -3.27 5.47 36.53
C SER A 124 -4.33 5.78 37.58
N VAL A 125 -5.14 6.81 37.33
CA VAL A 125 -6.23 7.16 38.22
C VAL A 125 -7.34 6.12 38.25
N GLY A 126 -7.54 5.40 37.15
CA GLY A 126 -8.65 4.48 37.03
C GLY A 126 -9.80 4.95 36.15
N ASN A 127 -9.56 5.97 35.34
CA ASN A 127 -10.50 6.31 34.29
C ASN A 127 -10.43 5.30 33.14
N SER A 128 -11.55 5.08 32.47
CA SER A 128 -11.60 4.09 31.41
C SER A 128 -12.16 4.59 30.07
N TYR A 129 -11.49 4.19 29.00
CA TYR A 129 -11.94 4.43 27.65
C TYR A 129 -11.97 3.10 26.90
N GLY A 130 -12.99 2.87 26.10
CA GLY A 130 -13.19 1.54 25.58
C GLY A 130 -12.90 1.22 24.13
N CYS A 131 -12.80 -0.07 23.83
CA CYS A 131 -12.88 -0.58 22.47
C CYS A 131 -14.29 -1.08 22.24
N HIS A 132 -14.93 -0.65 21.17
CA HIS A 132 -16.32 -1.02 20.96
C HIS A 132 -16.52 -1.85 19.71
N GLU A 133 -17.34 -2.88 19.83
CA GLU A 133 -17.59 -3.79 18.72
C GLU A 133 -18.99 -3.61 18.17
N ASN A 134 -19.08 -3.53 16.85
CA ASN A 134 -20.38 -3.42 16.19
C ASN A 134 -20.65 -4.57 15.24
N TYR A 135 -21.78 -5.24 15.43
CA TYR A 135 -22.17 -6.35 14.57
C TYR A 135 -23.55 -6.17 13.96
N LEU A 136 -23.66 -6.33 12.65
CA LEU A 136 -24.96 -6.28 12.00
C LEU A 136 -25.77 -7.50 12.35
N VAL A 137 -27.06 -7.30 12.61
CA VAL A 137 -27.97 -8.40 12.88
C VAL A 137 -29.32 -8.14 12.21
N GLY A 138 -30.10 -9.20 12.03
CA GLY A 138 -31.43 -9.07 11.47
C GLY A 138 -32.36 -8.34 12.41
N ARG A 139 -33.35 -7.65 11.85
CA ARG A 139 -34.32 -6.92 12.65
C ARG A 139 -35.11 -7.84 13.55
N SER A 140 -35.43 -9.02 13.05
CA SER A 140 -36.26 -9.97 13.74
C SER A 140 -35.74 -10.40 15.11
N MET A 141 -34.42 -10.50 15.23
CA MET A 141 -33.80 -11.09 16.42
C MET A 141 -34.14 -10.40 17.72
N PRO A 142 -34.63 -11.17 18.71
CA PRO A 142 -35.10 -10.75 20.03
C PRO A 142 -33.99 -10.47 21.03
N LEU A 143 -34.26 -9.59 21.98
CA LEU A 143 -33.34 -9.31 23.08
C LEU A 143 -33.20 -10.47 24.06
N LYS A 144 -34.31 -11.14 24.35
CA LYS A 144 -34.30 -12.19 25.36
C LYS A 144 -33.31 -13.27 25.01
N ALA A 145 -33.26 -13.64 23.74
CA ALA A 145 -32.36 -14.66 23.29
C ALA A 145 -30.95 -14.20 23.47
N LEU A 146 -30.75 -12.92 23.24
CA LEU A 146 -29.43 -12.35 23.32
C LEU A 146 -28.94 -12.46 24.74
N GLY A 147 -29.83 -12.17 25.66
CA GLY A 147 -29.53 -12.27 27.08
C GLY A 147 -29.31 -13.68 27.54
N LYS A 148 -30.07 -14.60 26.96
CA LYS A 148 -29.99 -16.01 27.31
C LYS A 148 -28.69 -16.66 26.85
N ARG A 149 -28.31 -16.42 25.60
CA ARG A 149 -27.15 -17.07 25.01
C ARG A 149 -25.91 -16.19 24.95
N LEU A 150 -26.02 -15.03 24.30
CA LEU A 150 -24.87 -14.16 24.07
C LEU A 150 -24.22 -13.63 25.34
N MET A 151 -25.02 -13.19 26.31
CA MET A 151 -24.48 -12.51 27.48
C MET A 151 -23.56 -13.35 28.37
N PRO A 152 -23.91 -14.62 28.65
CA PRO A 152 -22.98 -15.41 29.44
C PRO A 152 -21.64 -15.60 28.76
N PHE A 153 -21.65 -15.75 27.45
CA PHE A 153 -20.42 -15.85 26.68
C PHE A 153 -19.60 -14.58 26.78
N LEU A 154 -20.27 -13.44 26.66
CA LEU A 154 -19.60 -12.15 26.68
C LEU A 154 -18.96 -11.85 28.02
N ILE A 155 -19.65 -12.19 29.09
CA ILE A 155 -19.12 -11.97 30.44
C ILE A 155 -17.88 -12.80 30.67
N THR A 156 -17.92 -14.05 30.24
CA THR A 156 -16.82 -14.96 30.39
C THR A 156 -15.75 -14.74 29.35
N ARG A 157 -16.07 -14.01 28.29
CA ARG A 157 -15.20 -13.88 27.13
C ARG A 157 -13.85 -13.31 27.50
N GLN A 158 -13.81 -12.55 28.58
CA GLN A 158 -12.58 -11.90 29.01
C GLN A 158 -11.45 -12.88 29.25
N LEU A 159 -11.78 -14.12 29.59
CA LEU A 159 -10.75 -15.12 29.81
C LEU A 159 -9.92 -15.40 28.56
N ILE A 160 -10.59 -15.57 27.44
CA ILE A 160 -9.88 -15.87 26.22
C ILE A 160 -9.27 -14.66 25.52
N CYS A 161 -9.96 -13.53 25.52
CA CYS A 161 -9.49 -12.37 24.77
C CYS A 161 -8.87 -11.21 25.55
N GLY A 162 -8.75 -11.33 26.86
CA GLY A 162 -8.32 -10.21 27.69
C GLY A 162 -6.94 -9.65 27.44
N ALA A 163 -6.80 -8.33 27.55
CA ALA A 163 -5.50 -7.67 27.39
C ALA A 163 -4.64 -7.69 28.65
N GLY A 164 -5.28 -7.57 29.79
CA GLY A 164 -4.60 -7.60 31.07
C GLY A 164 -4.15 -6.26 31.62
N ARG A 165 -4.11 -6.18 32.95
CA ARG A 165 -3.69 -4.97 33.63
C ARG A 165 -3.28 -5.30 35.05
N ILE A 166 -2.50 -4.43 35.67
CA ILE A 166 -2.20 -4.60 37.09
C ILE A 166 -3.11 -3.68 37.85
N HIS A 167 -3.70 -4.19 38.92
CA HIS A 167 -4.66 -3.41 39.68
C HIS A 167 -4.02 -2.93 40.96
N HIS A 168 -4.07 -1.64 41.20
CA HIS A 168 -3.56 -1.08 42.45
C HIS A 168 -4.67 -0.43 43.24
N PRO A 169 -4.98 -0.98 44.42
CA PRO A 169 -6.03 -0.36 45.22
C PRO A 169 -5.58 0.93 45.92
N ASN A 170 -6.45 1.93 45.95
CA ASN A 170 -6.22 3.12 46.76
C ASN A 170 -6.97 3.01 48.07
N PRO A 171 -6.34 3.43 49.18
CA PRO A 171 -7.05 3.42 50.46
C PRO A 171 -8.35 4.22 50.46
N SER A 177 -13.04 -4.84 49.27
CA SER A 177 -12.48 -4.33 48.03
C SER A 177 -11.55 -5.33 47.39
N PHE A 178 -10.93 -4.94 46.29
CA PHE A 178 -10.04 -5.82 45.56
C PHE A 178 -8.59 -5.49 45.88
N PRO A 179 -7.80 -6.53 46.15
CA PRO A 179 -6.39 -6.44 46.47
C PRO A 179 -5.55 -6.20 45.23
N LEU A 180 -4.25 -6.12 45.44
CA LEU A 180 -3.31 -5.93 44.35
C LEU A 180 -3.12 -7.25 43.63
N GLY A 181 -3.31 -7.25 42.32
CA GLY A 181 -3.09 -8.44 41.53
C GLY A 181 -3.13 -8.23 40.04
N TYR A 182 -2.65 -9.21 39.29
CA TYR A 182 -2.78 -9.19 37.85
C TYR A 182 -4.19 -9.54 37.46
N CYS A 183 -4.74 -8.76 36.55
CA CYS A 183 -6.10 -8.90 36.11
C CYS A 183 -6.07 -9.19 34.62
N ILE A 184 -6.87 -10.15 34.18
CA ILE A 184 -6.95 -10.48 32.78
C ILE A 184 -7.63 -9.43 31.93
N SER A 185 -8.58 -8.70 32.51
CA SER A 185 -9.33 -7.69 31.77
C SER A 185 -9.23 -6.31 32.36
N GLN A 186 -8.92 -5.33 31.52
CA GLN A 186 -8.93 -3.94 31.92
C GLN A 186 -10.32 -3.40 32.16
N ARG A 187 -11.25 -3.79 31.29
CA ARG A 187 -12.57 -3.16 31.24
C ARG A 187 -13.56 -3.63 32.28
N SER A 188 -13.33 -4.79 32.87
CA SER A 188 -14.36 -5.42 33.70
C SER A 188 -14.84 -4.56 34.86
N ASP A 189 -13.91 -3.96 35.60
CA ASP A 189 -14.29 -3.20 36.76
C ASP A 189 -15.14 -2.00 36.36
N HIS A 190 -14.70 -1.31 35.33
CA HIS A 190 -15.40 -0.12 34.87
C HIS A 190 -16.73 -0.43 34.25
N VAL A 191 -16.83 -1.54 33.54
CA VAL A 191 -18.10 -1.94 32.99
C VAL A 191 -19.04 -2.19 34.14
N TRP A 192 -18.53 -2.82 35.18
CA TRP A 192 -19.33 -3.05 36.36
C TRP A 192 -19.77 -1.76 37.01
N GLU A 193 -18.86 -0.79 37.09
CA GLU A 193 -19.17 0.50 37.68
C GLU A 193 -20.26 1.17 36.86
N GLY A 194 -20.14 1.04 35.56
CA GLY A 194 -21.06 1.66 34.63
C GLY A 194 -22.45 1.09 34.75
N VAL A 195 -22.57 -0.23 34.86
CA VAL A 195 -23.88 -0.83 35.03
C VAL A 195 -24.44 -0.58 36.41
N SER A 196 -23.60 -0.65 37.43
CA SER A 196 -24.09 -0.51 38.79
C SER A 196 -24.54 0.93 39.05
N SER A 197 -23.70 1.90 38.75
CA SER A 197 -24.10 3.29 38.92
C SER A 197 -25.22 3.65 37.94
N ALA A 198 -26.17 4.45 38.40
CA ALA A 198 -27.29 4.86 37.58
C ALA A 198 -27.02 6.17 36.86
N SER A 202 -25.77 5.46 33.12
CA SER A 202 -25.92 4.01 33.20
C SER A 202 -25.93 3.35 31.82
N ARG A 203 -24.75 2.86 31.43
CA ARG A 203 -24.51 2.26 30.13
C ARG A 203 -24.62 0.76 30.07
N PRO A 204 -25.36 0.25 29.07
CA PRO A 204 -25.58 -1.17 28.91
C PRO A 204 -24.40 -1.84 28.25
N ILE A 205 -24.21 -3.12 28.56
CA ILE A 205 -23.17 -3.91 27.94
C ILE A 205 -23.55 -4.17 26.50
N ILE A 206 -24.83 -4.41 26.30
CA ILE A 206 -25.36 -4.71 24.98
C ILE A 206 -26.49 -3.76 24.60
N ASN A 207 -26.37 -3.17 23.42
CA ASN A 207 -27.44 -2.36 22.90
C ASN A 207 -27.72 -2.67 21.45
N THR A 208 -28.97 -3.04 21.17
CA THR A 208 -29.42 -3.21 19.80
C THR A 208 -30.23 -2.00 19.29
N ARG A 209 -30.55 -1.07 20.19
CA ARG A 209 -31.44 0.04 19.86
C ARG A 209 -30.89 1.18 19.02
N ASP A 210 -29.61 1.48 19.16
CA ASP A 210 -29.02 2.60 18.45
C ASP A 210 -29.12 2.44 16.95
N GLU A 211 -28.99 3.54 16.24
CA GLU A 211 -29.21 3.53 14.80
C GLU A 211 -28.33 2.55 14.07
N PRO A 212 -28.95 1.72 13.22
CA PRO A 212 -28.35 0.62 12.49
C PRO A 212 -27.30 1.06 11.48
N HIS A 213 -27.49 2.24 10.90
CA HIS A 213 -26.66 2.71 9.80
C HIS A 213 -26.87 1.79 8.61
N ALA A 214 -28.04 1.17 8.63
CA ALA A 214 -28.53 0.32 7.58
C ALA A 214 -30.04 0.48 7.51
N ASP A 215 -30.66 -0.05 6.48
CA ASP A 215 -32.11 0.04 6.32
C ASP A 215 -32.79 -0.54 7.57
N SER A 216 -33.70 0.24 8.13
CA SER A 216 -34.30 -0.02 9.43
C SER A 216 -35.17 -1.27 9.45
N HIS A 217 -35.84 -1.51 8.34
CA HIS A 217 -36.71 -2.67 8.23
C HIS A 217 -35.96 -3.97 8.30
N SER A 218 -34.87 -4.03 7.56
CA SER A 218 -34.05 -5.22 7.48
C SER A 218 -33.14 -5.47 8.68
N TYR A 219 -32.51 -4.44 9.21
CA TYR A 219 -31.39 -4.66 10.13
C TYR A 219 -31.36 -3.85 11.41
N ARG A 220 -30.55 -4.35 12.35
CA ARG A 220 -30.15 -3.65 13.55
C ARG A 220 -28.64 -3.71 13.71
N ARG A 221 -28.12 -2.82 14.53
CA ARG A 221 -26.70 -2.82 14.87
C ARG A 221 -26.52 -3.19 16.33
N LEU A 222 -25.68 -4.18 16.57
CA LEU A 222 -25.42 -4.64 17.91
C LEU A 222 -24.13 -4.03 18.44
N HIS A 223 -24.23 -3.35 19.58
CA HIS A 223 -23.12 -2.59 20.12
C HIS A 223 -22.61 -3.22 21.39
N VAL A 224 -21.32 -3.53 21.42
CA VAL A 224 -20.71 -4.19 22.55
C VAL A 224 -19.58 -3.38 23.15
N ILE A 225 -19.73 -3.02 24.42
CA ILE A 225 -18.72 -2.26 25.11
C ILE A 225 -17.80 -3.07 26.01
N VAL A 226 -18.06 -4.36 26.15
CA VAL A 226 -17.39 -5.16 27.15
C VAL A 226 -15.92 -5.46 26.88
N GLY A 227 -15.54 -5.54 25.61
CA GLY A 227 -14.22 -6.01 25.25
C GLY A 227 -13.05 -5.11 25.56
N ASP A 228 -11.88 -5.72 25.73
CA ASP A 228 -10.63 -4.97 25.82
C ASP A 228 -10.11 -4.58 24.44
N ALA A 229 -9.33 -3.51 24.40
CA ALA A 229 -8.55 -3.17 23.23
C ALA A 229 -7.38 -4.13 23.12
N ASN A 230 -7.13 -4.62 21.92
CA ASN A 230 -6.11 -5.65 21.73
C ASN A 230 -4.98 -5.27 20.78
N MET A 231 -3.75 -5.48 21.24
CA MET A 231 -2.58 -5.27 20.42
C MET A 231 -2.30 -6.41 19.44
N ALA A 232 -2.41 -7.64 19.91
CA ALA A 232 -2.06 -8.79 19.09
C ALA A 232 -3.21 -9.20 18.19
N GLU A 233 -2.89 -9.44 16.93
CA GLU A 233 -3.90 -9.77 15.94
C GLU A 233 -4.68 -11.03 16.26
N PRO A 234 -4.02 -12.09 16.74
CA PRO A 234 -4.80 -13.28 17.09
C PRO A 234 -5.81 -13.02 18.19
N SER A 235 -5.51 -12.12 19.09
CA SER A 235 -6.43 -11.78 20.16
C SER A 235 -7.70 -11.16 19.60
N ILE A 236 -7.52 -10.27 18.64
CA ILE A 236 -8.64 -9.63 18.00
C ILE A 236 -9.46 -10.67 17.27
N ALA A 237 -8.76 -11.54 16.54
CA ALA A 237 -9.41 -12.57 15.76
C ALA A 237 -10.24 -13.50 16.62
N LEU A 238 -9.70 -13.87 17.76
CA LEU A 238 -10.43 -14.71 18.68
C LEU A 238 -11.63 -13.99 19.25
N LYS A 239 -11.42 -12.74 19.63
CA LYS A 239 -12.48 -11.96 20.26
C LYS A 239 -13.67 -11.75 19.36
N VAL A 240 -13.41 -11.24 18.17
CA VAL A 240 -14.47 -10.99 17.23
C VAL A 240 -15.04 -12.27 16.64
N GLY A 241 -14.15 -13.21 16.30
CA GLY A 241 -14.57 -14.43 15.67
C GLY A 241 -15.43 -15.32 16.52
N SER A 242 -15.10 -15.42 17.80
CA SER A 242 -15.91 -16.22 18.70
C SER A 242 -17.31 -15.64 18.77
N THR A 243 -17.38 -14.33 18.85
CA THR A 243 -18.65 -13.64 18.93
C THR A 243 -19.47 -13.88 17.68
N LEU A 244 -18.79 -13.86 16.55
CA LEU A 244 -19.44 -14.13 15.28
C LEU A 244 -20.00 -15.53 15.26
N LEU A 245 -19.24 -16.49 15.77
CA LEU A 245 -19.71 -17.87 15.81
C LEU A 245 -20.92 -18.03 16.68
N VAL A 246 -20.92 -17.37 17.82
CA VAL A 246 -22.05 -17.43 18.72
C VAL A 246 -23.28 -16.83 18.07
N LEU A 247 -23.10 -15.71 17.39
CA LEU A 247 -24.20 -15.06 16.69
C LEU A 247 -24.74 -15.96 15.60
N GLU A 248 -23.84 -16.65 14.91
CA GLU A 248 -24.20 -17.55 13.85
C GLU A 248 -25.03 -18.69 14.40
N MET A 249 -24.60 -19.23 15.52
CA MET A 249 -25.31 -20.33 16.14
C MET A 249 -26.69 -19.90 16.59
N ILE A 250 -26.77 -18.70 17.15
CA ILE A 250 -28.07 -18.20 17.58
C ILE A 250 -29.01 -18.05 16.41
N GLU A 251 -28.50 -17.51 15.32
CA GLU A 251 -29.34 -17.29 14.15
C GLU A 251 -29.86 -18.58 13.54
N ALA A 252 -29.01 -19.60 13.50
CA ALA A 252 -29.35 -20.86 12.86
C ALA A 252 -30.23 -21.76 13.73
N ASP A 253 -30.45 -21.35 14.98
CA ASP A 253 -31.19 -22.16 15.94
C ASP A 253 -30.46 -23.46 16.16
N PHE A 254 -29.14 -23.37 16.21
CA PHE A 254 -28.28 -24.52 16.38
C PHE A 254 -28.50 -25.10 17.75
N GLY A 255 -28.96 -24.25 18.64
CA GLY A 255 -29.26 -24.60 20.00
C GLY A 255 -28.05 -24.34 20.85
N LEU A 256 -28.29 -23.77 22.01
CA LEU A 256 -27.27 -23.56 22.99
C LEU A 256 -28.00 -23.57 24.30
N PRO A 257 -27.39 -24.14 25.33
CA PRO A 257 -28.15 -24.18 26.56
C PRO A 257 -28.38 -22.75 27.02
N SER A 258 -29.51 -22.45 27.64
CA SER A 258 -29.71 -21.11 28.14
C SER A 258 -28.98 -21.01 29.45
N LEU A 259 -28.01 -20.12 29.48
CA LEU A 259 -27.16 -19.94 30.63
C LEU A 259 -27.50 -18.70 31.42
N GLU A 260 -28.64 -18.09 31.15
CA GLU A 260 -28.95 -16.79 31.71
C GLU A 260 -28.69 -16.72 33.21
N LEU A 261 -28.13 -15.58 33.61
CA LEU A 261 -27.64 -15.38 34.95
C LEU A 261 -28.60 -14.50 35.70
N ALA A 262 -28.69 -14.70 37.00
CA ALA A 262 -29.56 -13.86 37.80
C ALA A 262 -29.10 -12.42 37.70
N ASN A 263 -27.79 -12.22 37.79
CA ASN A 263 -27.23 -10.90 37.59
C ASN A 263 -25.97 -10.97 36.73
N ASP A 264 -25.97 -10.21 35.65
CA ASP A 264 -24.91 -10.23 34.66
C ASP A 264 -23.54 -9.77 35.17
N ILE A 265 -23.52 -8.70 35.94
CA ILE A 265 -22.26 -8.10 36.34
C ILE A 265 -21.82 -8.56 37.71
N ALA A 266 -22.55 -9.52 38.26
CA ALA A 266 -22.28 -10.01 39.60
C ALA A 266 -20.88 -10.59 39.77
N SER A 267 -20.48 -11.47 38.86
CA SER A 267 -19.18 -12.13 38.96
C SER A 267 -18.07 -11.59 38.07
N ILE A 268 -18.37 -10.57 37.28
CA ILE A 268 -17.47 -10.13 36.22
C ILE A 268 -16.07 -9.70 36.71
N ARG A 269 -16.02 -8.91 37.78
CA ARG A 269 -14.77 -8.46 38.36
C ARG A 269 -14.00 -9.63 38.92
N GLU A 270 -14.74 -10.52 39.58
CA GLU A 270 -14.16 -11.70 40.18
C GLU A 270 -13.56 -12.59 39.10
N ILE A 271 -14.24 -12.69 37.97
CA ILE A 271 -13.72 -13.46 36.85
C ILE A 271 -12.43 -12.81 36.42
N SER A 272 -12.40 -11.48 36.43
CA SER A 272 -11.20 -10.77 36.01
C SER A 272 -10.01 -11.13 36.88
N ARG A 273 -10.25 -11.26 38.18
CA ARG A 273 -9.17 -11.61 39.11
C ARG A 273 -8.66 -13.04 38.97
N ASP A 274 -9.51 -13.97 38.60
CA ASP A 274 -9.12 -15.37 38.56
C ASP A 274 -8.76 -15.88 37.18
N ALA A 275 -7.49 -16.22 37.02
CA ALA A 275 -6.98 -16.80 35.78
C ALA A 275 -7.45 -18.23 35.57
N THR A 276 -7.68 -18.96 36.65
CA THR A 276 -8.10 -20.36 36.58
C THR A 276 -9.44 -20.54 35.91
N GLY A 277 -10.31 -19.55 36.05
CA GLY A 277 -11.66 -19.63 35.49
C GLY A 277 -12.58 -20.42 36.37
N SER A 278 -12.18 -20.58 37.62
CA SER A 278 -12.93 -21.34 38.60
C SER A 278 -14.06 -20.54 39.26
N THR A 279 -14.18 -19.27 38.91
CA THR A 279 -15.18 -18.39 39.51
C THR A 279 -16.58 -18.92 39.26
N LEU A 280 -17.44 -18.81 40.27
CA LEU A 280 -18.78 -19.40 40.20
C LEU A 280 -19.88 -18.41 39.94
N LEU A 281 -20.68 -18.70 38.93
CA LEU A 281 -21.79 -17.85 38.52
C LEU A 281 -23.14 -18.49 38.78
N SER A 282 -24.06 -17.69 39.30
CA SER A 282 -25.42 -18.11 39.54
C SER A 282 -26.31 -17.89 38.33
N LEU A 283 -26.85 -18.98 37.81
CA LEU A 283 -27.80 -18.93 36.71
C LEU A 283 -29.20 -18.62 37.18
N LYS A 284 -30.05 -18.15 36.28
CA LYS A 284 -31.44 -17.87 36.59
C LYS A 284 -32.20 -19.10 37.05
N ASP A 285 -31.90 -20.25 36.44
CA ASP A 285 -32.52 -21.52 36.81
C ASP A 285 -32.15 -21.99 38.22
N GLY A 286 -31.10 -21.41 38.79
CA GLY A 286 -30.64 -21.76 40.11
C GLY A 286 -29.47 -22.70 40.12
N THR A 287 -29.06 -23.12 38.93
CA THR A 287 -27.82 -23.87 38.81
C THR A 287 -26.64 -22.93 38.93
N THR A 288 -25.49 -23.50 39.26
CA THR A 288 -24.27 -22.74 39.40
C THR A 288 -23.17 -23.30 38.49
N MET A 289 -22.51 -22.44 37.72
CA MET A 289 -21.45 -22.91 36.82
C MET A 289 -20.17 -22.08 36.93
N THR A 290 -19.01 -22.70 36.73
CA THR A 290 -17.77 -21.91 36.66
C THR A 290 -17.69 -21.23 35.30
N ALA A 291 -16.97 -20.12 35.24
CA ALA A 291 -16.85 -19.37 33.99
C ALA A 291 -16.23 -20.21 32.90
N LEU A 292 -15.22 -20.99 33.29
CA LEU A 292 -14.53 -21.84 32.35
C LEU A 292 -15.50 -22.84 31.76
N GLN A 293 -16.42 -23.33 32.57
CA GLN A 293 -17.41 -24.27 32.09
C GLN A 293 -18.27 -23.65 31.02
N ILE A 294 -18.66 -22.40 31.25
CA ILE A 294 -19.50 -21.68 30.30
C ILE A 294 -18.78 -21.57 28.97
N GLN A 295 -17.52 -21.17 29.06
CA GLN A 295 -16.69 -21.05 27.88
C GLN A 295 -16.60 -22.38 27.17
N GLN A 296 -16.49 -23.44 27.94
CA GLN A 296 -16.32 -24.77 27.40
C GLN A 296 -17.55 -25.21 26.62
N VAL A 297 -18.72 -24.95 27.17
CA VAL A 297 -19.94 -25.33 26.49
C VAL A 297 -20.08 -24.58 25.18
N VAL A 298 -19.91 -23.27 25.27
CA VAL A 298 -20.07 -22.45 24.07
C VAL A 298 -19.11 -22.87 22.99
N PHE A 299 -17.88 -23.15 23.40
CA PHE A 299 -16.86 -23.59 22.47
C PHE A 299 -17.19 -24.91 21.83
N GLU A 300 -17.68 -25.85 22.61
CA GLU A 300 -18.00 -27.17 22.08
C GLU A 300 -19.09 -27.08 21.03
N HIS A 301 -20.14 -26.34 21.36
CA HIS A 301 -21.21 -26.18 20.40
C HIS A 301 -20.72 -25.50 19.15
N ALA A 302 -19.84 -24.52 19.32
CA ALA A 302 -19.28 -23.81 18.17
C ALA A 302 -18.53 -24.78 17.30
N SER A 303 -17.83 -25.69 17.95
CA SER A 303 -17.06 -26.71 17.26
C SER A 303 -17.95 -27.59 16.40
N LYS A 304 -19.09 -27.98 16.93
CA LYS A 304 -20.04 -28.71 16.10
C LYS A 304 -20.62 -27.84 14.96
N TRP A 305 -20.92 -26.59 15.29
CA TRP A 305 -21.48 -25.66 14.34
C TRP A 305 -20.60 -25.52 13.11
N LEU A 306 -19.29 -25.51 13.31
CA LEU A 306 -18.38 -25.35 12.18
C LEU A 306 -18.55 -26.44 11.15
N GLU A 307 -18.77 -27.65 11.61
CA GLU A 307 -19.07 -28.75 10.72
C GLU A 307 -20.42 -28.53 10.07
N GLN A 308 -21.38 -28.06 10.84
CA GLN A 308 -22.67 -27.74 10.28
C GLN A 308 -22.61 -26.56 9.32
N ARG A 309 -21.72 -25.62 9.62
CA ARG A 309 -21.69 -24.31 8.97
C ARG A 309 -21.38 -24.36 7.48
N PRO A 310 -22.27 -23.76 6.68
CA PRO A 310 -22.11 -23.64 5.23
C PRO A 310 -21.22 -22.47 4.85
N GLU A 311 -20.40 -22.66 3.83
CA GLU A 311 -19.52 -21.58 3.41
C GLU A 311 -20.32 -20.51 2.71
N PRO A 312 -19.97 -19.25 2.95
CA PRO A 312 -20.63 -18.13 2.30
C PRO A 312 -20.34 -18.13 0.83
N GLU A 313 -21.38 -17.91 0.02
CA GLU A 313 -21.20 -17.87 -1.41
C GLU A 313 -20.33 -16.70 -1.80
N PHE A 314 -20.55 -15.58 -1.15
CA PHE A 314 -19.78 -14.39 -1.44
C PHE A 314 -19.15 -13.78 -0.21
N SER A 315 -17.83 -13.59 -0.29
CA SER A 315 -17.08 -12.93 0.76
C SER A 315 -17.28 -13.58 2.12
N GLY A 316 -17.45 -12.75 3.14
CA GLY A 316 -17.71 -13.26 4.46
C GLY A 316 -16.47 -13.83 5.12
N THR A 317 -16.67 -14.62 6.16
CA THR A 317 -15.60 -15.27 6.87
C THR A 317 -15.56 -16.75 6.51
N SER A 318 -14.46 -17.20 5.94
CA SER A 318 -14.36 -18.57 5.44
C SER A 318 -14.36 -19.58 6.56
N ASN A 319 -14.74 -20.81 6.25
CA ASN A 319 -14.76 -21.89 7.24
C ASN A 319 -13.36 -22.21 7.72
N THR A 320 -12.38 -22.03 6.85
CA THR A 320 -10.98 -22.22 7.20
C THR A 320 -10.57 -21.28 8.31
N GLU A 321 -10.97 -20.02 8.14
CA GLU A 321 -10.63 -18.97 9.09
C GLU A 321 -11.26 -19.25 10.44
N MET A 322 -12.51 -19.67 10.40
CA MET A 322 -13.25 -20.03 11.60
C MET A 322 -12.61 -21.22 12.28
N ALA A 323 -12.05 -22.11 11.48
CA ALA A 323 -11.31 -23.25 12.02
C ALA A 323 -10.11 -22.76 12.78
N ARG A 324 -9.46 -21.72 12.25
CA ARG A 324 -8.32 -21.13 12.94
C ARG A 324 -8.75 -20.54 14.26
N VAL A 325 -9.88 -19.86 14.23
CA VAL A 325 -10.42 -19.23 15.41
C VAL A 325 -10.69 -20.27 16.49
N LEU A 326 -11.32 -21.35 16.07
CA LEU A 326 -11.65 -22.44 16.98
C LEU A 326 -10.40 -23.13 17.50
N ASP A 327 -9.38 -23.20 16.67
CA ASP A 327 -8.14 -23.81 17.09
C ASP A 327 -7.54 -23.04 18.24
N LEU A 328 -7.45 -21.72 18.06
CA LEU A 328 -6.91 -20.87 19.12
C LEU A 328 -7.79 -20.91 20.36
N TRP A 329 -9.09 -20.89 20.15
CA TRP A 329 -10.05 -20.88 21.24
C TRP A 329 -9.87 -22.12 22.08
N GLY A 330 -9.72 -23.24 21.40
CA GLY A 330 -9.51 -24.51 22.07
C GLY A 330 -8.21 -24.58 22.82
N ARG A 331 -7.13 -24.13 22.19
CA ARG A 331 -5.83 -24.14 22.85
C ARG A 331 -5.83 -23.27 24.08
N MET A 332 -6.54 -22.15 24.00
CA MET A 332 -6.63 -21.23 25.12
C MET A 332 -7.42 -21.82 26.28
N LEU A 333 -8.56 -22.41 25.97
CA LEU A 333 -9.35 -23.04 27.03
C LEU A 333 -8.55 -24.14 27.68
N LYS A 334 -7.87 -24.89 26.83
CA LYS A 334 -7.05 -26.00 27.25
C LYS A 334 -6.00 -25.48 28.20
N ALA A 335 -5.43 -24.34 27.86
CA ALA A 335 -4.42 -23.72 28.69
C ALA A 335 -4.96 -23.30 30.04
N ILE A 336 -6.15 -22.72 30.05
CA ILE A 336 -6.74 -22.26 31.29
C ILE A 336 -7.00 -23.41 32.24
N GLU A 337 -7.55 -24.50 31.70
CA GLU A 337 -7.83 -25.65 32.52
C GLU A 337 -6.54 -26.30 32.98
N SER A 338 -5.59 -26.46 32.07
CA SER A 338 -4.31 -27.07 32.39
C SER A 338 -3.42 -26.20 33.26
N GLY A 339 -3.39 -24.90 32.97
CA GLY A 339 -2.47 -24.02 33.66
C GLY A 339 -1.14 -23.89 32.94
N ASP A 340 -1.05 -24.46 31.76
CA ASP A 340 0.15 -24.34 30.95
C ASP A 340 -0.14 -23.50 29.72
N PHE A 341 0.47 -22.33 29.66
CA PHE A 341 0.20 -21.36 28.61
C PHE A 341 1.22 -21.34 27.48
N SER A 342 2.11 -22.31 27.49
CA SER A 342 3.20 -22.39 26.52
C SER A 342 2.74 -22.41 25.08
N GLU A 343 1.59 -23.03 24.83
CA GLU A 343 1.05 -23.11 23.48
C GLU A 343 0.59 -21.75 22.98
N VAL A 344 -0.06 -21.00 23.85
CA VAL A 344 -0.67 -19.73 23.47
C VAL A 344 0.09 -18.45 23.83
N ASP A 345 1.27 -18.56 24.42
CA ASP A 345 1.94 -17.37 24.94
C ASP A 345 2.34 -16.36 23.87
N THR A 346 2.29 -16.77 22.61
CA THR A 346 2.41 -15.85 21.48
C THR A 346 1.11 -15.15 21.06
N GLU A 347 -0.01 -15.88 21.13
CA GLU A 347 -1.31 -15.36 20.65
C GLU A 347 -2.09 -14.38 21.53
N ILE A 348 -2.15 -14.62 22.84
CA ILE A 348 -3.11 -13.91 23.69
C ILE A 348 -2.49 -12.83 24.55
N ASP A 349 -3.08 -11.64 24.50
CA ASP A 349 -2.49 -10.44 25.06
C ASP A 349 -2.19 -10.51 26.55
N TRP A 350 -3.14 -10.97 27.35
CA TRP A 350 -2.90 -10.99 28.79
C TRP A 350 -1.84 -12.02 29.13
N VAL A 351 -1.83 -13.13 28.41
CA VAL A 351 -0.78 -14.11 28.60
C VAL A 351 0.59 -13.57 28.24
N ILE A 352 0.68 -12.87 27.11
CA ILE A 352 1.94 -12.31 26.65
C ILE A 352 2.48 -11.29 27.63
N LYS A 353 1.59 -10.40 28.02
CA LYS A 353 1.95 -9.34 28.92
C LYS A 353 2.44 -9.93 30.20
N LYS A 354 1.72 -10.93 30.68
CA LYS A 354 2.07 -11.58 31.91
C LYS A 354 3.43 -12.25 31.82
N LYS A 355 3.74 -12.82 30.67
CA LYS A 355 5.02 -13.48 30.49
C LYS A 355 6.15 -12.50 30.61
N LEU A 356 6.00 -11.37 29.94
CA LEU A 356 7.03 -10.35 29.98
C LEU A 356 7.21 -9.81 31.40
N ILE A 357 6.09 -9.52 32.04
CA ILE A 357 6.11 -9.01 33.40
C ILE A 357 6.81 -10.00 34.32
N ASP A 358 6.56 -11.27 34.08
CA ASP A 358 7.20 -12.34 34.83
C ASP A 358 8.70 -12.30 34.63
N ARG A 359 9.12 -11.99 33.41
CA ARG A 359 10.54 -11.88 33.15
C ARG A 359 11.16 -10.77 33.98
N PHE A 360 10.50 -9.62 34.03
CA PHE A 360 11.03 -8.50 34.81
C PHE A 360 11.08 -8.82 36.30
N ILE A 361 10.02 -9.43 36.79
CA ILE A 361 9.93 -9.81 38.18
C ILE A 361 11.02 -10.77 38.58
N GLN A 362 11.21 -11.80 37.75
CA GLN A 362 12.23 -12.79 38.06
C GLN A 362 13.61 -12.18 38.04
N ARG A 363 13.88 -11.33 37.06
CA ARG A 363 15.21 -10.75 36.98
C ARG A 363 15.49 -9.82 38.15
N GLY A 364 14.49 -9.06 38.59
CA GLY A 364 14.73 -8.12 39.66
C GLY A 364 14.21 -8.50 41.04
N ASN A 365 13.56 -9.65 41.14
CA ASN A 365 12.87 -10.06 42.36
C ASN A 365 11.86 -9.00 42.78
N LEU A 366 11.22 -8.42 41.79
CA LEU A 366 10.31 -7.31 41.98
C LEU A 366 8.97 -7.71 42.55
N GLY A 367 8.39 -6.82 43.33
CA GLY A 367 7.01 -6.97 43.77
C GLY A 367 6.09 -6.52 42.66
N LEU A 368 4.81 -6.88 42.76
CA LEU A 368 3.83 -6.44 41.78
C LEU A 368 3.61 -4.94 41.80
N ASP A 369 3.75 -4.35 42.98
CA ASP A 369 3.57 -2.92 43.14
C ASP A 369 4.69 -2.12 42.52
N ASP A 370 5.74 -2.80 42.06
CA ASP A 370 6.90 -2.13 41.47
C ASP A 370 6.49 -1.31 40.25
N PRO A 371 6.97 -0.06 40.18
CA PRO A 371 6.59 0.90 39.14
C PRO A 371 6.98 0.46 37.74
N LYS A 372 8.09 -0.23 37.63
CA LYS A 372 8.60 -0.67 36.34
C LYS A 372 7.56 -1.56 35.68
N LEU A 373 6.91 -2.38 36.49
CA LEU A 373 5.88 -3.30 36.00
C LEU A 373 4.67 -2.56 35.47
N ALA A 374 4.24 -1.54 36.20
CA ALA A 374 3.14 -0.71 35.75
C ALA A 374 3.48 -0.01 34.45
N GLN A 375 4.73 0.41 34.34
CA GLN A 375 5.22 1.02 33.13
C GLN A 375 5.16 0.06 31.97
N VAL A 376 5.50 -1.20 32.21
CA VAL A 376 5.40 -2.22 31.18
C VAL A 376 3.95 -2.47 30.78
N ASP A 377 3.09 -2.48 31.78
CA ASP A 377 1.67 -2.67 31.59
C ASP A 377 1.09 -1.62 30.67
N LEU A 378 1.51 -0.38 30.86
CA LEU A 378 1.04 0.69 29.99
C LEU A 378 1.69 0.68 28.60
N THR A 379 3.01 0.61 28.57
CA THR A 379 3.77 0.79 27.34
C THR A 379 3.59 -0.34 26.37
N TYR A 380 3.15 -1.50 26.85
CA TYR A 380 2.88 -2.61 25.96
C TYR A 380 1.91 -2.16 24.87
N HIS A 381 0.96 -1.33 25.27
CA HIS A 381 -0.05 -0.76 24.40
C HIS A 381 0.40 0.39 23.50
N ASP A 382 1.58 0.94 23.75
CA ASP A 382 2.08 2.00 22.90
C ASP A 382 2.25 1.52 21.47
N ILE A 383 1.69 2.27 20.54
CA ILE A 383 1.52 1.80 19.17
C ILE A 383 2.64 2.18 18.23
N ARG A 384 3.59 2.97 18.69
CA ARG A 384 4.69 3.38 17.85
C ARG A 384 5.66 2.23 17.63
N PRO A 385 5.99 1.96 16.37
CA PRO A 385 6.93 0.90 16.06
C PRO A 385 8.31 1.20 16.61
N GLY A 386 8.92 0.22 17.26
CA GLY A 386 10.26 0.37 17.77
C GLY A 386 10.34 1.07 19.11
N ARG A 387 9.23 1.61 19.58
CA ARG A 387 9.17 2.20 20.91
C ARG A 387 8.33 1.35 21.84
N GLY A 388 7.14 1.00 21.40
CA GLY A 388 6.25 0.18 22.18
C GLY A 388 6.74 -1.24 22.34
N LEU A 389 6.45 -1.82 23.49
CA LEU A 389 6.91 -3.15 23.85
C LEU A 389 6.39 -4.23 22.92
N PHE A 390 5.15 -4.08 22.51
CA PHE A 390 4.52 -5.04 21.62
C PHE A 390 5.31 -5.13 20.33
N SER A 391 5.77 -3.98 19.87
CA SER A 391 6.55 -3.88 18.66
C SER A 391 7.87 -4.62 18.81
N VAL A 392 8.48 -4.48 19.99
CA VAL A 392 9.74 -5.15 20.27
C VAL A 392 9.56 -6.64 20.20
N LEU A 393 8.50 -7.08 20.86
CA LEU A 393 8.16 -8.48 20.92
C LEU A 393 7.94 -9.03 19.53
N GLN A 394 7.25 -8.26 18.69
CA GLN A 394 7.03 -8.68 17.31
C GLN A 394 8.33 -8.77 16.56
N SER A 395 9.23 -7.84 16.82
CA SER A 395 10.51 -7.87 16.15
C SER A 395 11.23 -9.16 16.50
N ARG A 396 11.20 -9.56 17.77
CA ARG A 396 11.76 -10.86 18.13
C ARG A 396 11.01 -12.06 17.57
N GLY A 397 9.73 -11.91 17.26
CA GLY A 397 8.96 -13.02 16.76
C GLY A 397 8.19 -13.66 17.89
N MET A 398 8.21 -13.02 19.04
CA MET A 398 7.47 -13.51 20.19
C MET A 398 5.98 -13.36 20.02
N ILE A 399 5.56 -12.49 19.11
CA ILE A 399 4.15 -12.33 18.82
C ILE A 399 3.74 -13.02 17.53
N LYS A 400 2.62 -13.72 17.56
CA LYS A 400 2.07 -14.34 16.37
C LYS A 400 1.30 -13.37 15.50
N ARG A 401 1.32 -13.59 14.18
CA ARG A 401 0.63 -12.73 13.24
C ARG A 401 -0.54 -13.42 12.56
N TRP A 402 -1.72 -12.80 12.63
CA TRP A 402 -2.89 -13.22 11.88
C TRP A 402 -2.86 -12.76 10.43
N THR A 403 -2.36 -11.56 10.20
CA THR A 403 -2.36 -10.96 8.88
C THR A 403 -1.04 -10.29 8.55
N THR A 404 -0.79 -10.09 7.27
CA THR A 404 0.44 -9.48 6.79
C THR A 404 0.48 -7.98 7.00
N ASP A 405 1.69 -7.43 7.04
CA ASP A 405 1.88 -6.01 7.17
C ASP A 405 1.37 -5.26 5.95
N GLU A 406 1.64 -5.82 4.78
CA GLU A 406 1.30 -5.18 3.53
C GLU A 406 -0.20 -5.01 3.34
N ALA A 407 -0.97 -5.96 3.84
CA ALA A 407 -2.43 -5.85 3.79
C ALA A 407 -2.90 -4.66 4.63
N ILE A 408 -2.25 -4.46 5.77
CA ILE A 408 -2.53 -3.33 6.64
C ILE A 408 -2.21 -2.02 5.92
N LEU A 409 -1.05 -2.01 5.29
CA LEU A 409 -0.62 -0.82 4.56
C LEU A 409 -1.59 -0.50 3.44
N ALA A 410 -2.12 -1.53 2.80
CA ALA A 410 -3.14 -1.34 1.80
C ALA A 410 -4.41 -0.78 2.43
N ALA A 411 -4.72 -1.27 3.62
CA ALA A 411 -5.91 -0.86 4.34
C ALA A 411 -5.90 0.62 4.72
N VAL A 412 -4.74 1.18 5.00
CA VAL A 412 -4.71 2.60 5.35
C VAL A 412 -5.18 3.47 4.18
N ASP A 413 -4.75 3.13 2.96
CA ASP A 413 -5.06 3.88 1.76
C ASP A 413 -6.45 3.64 1.15
N THR A 414 -6.88 2.38 1.09
CA THR A 414 -8.07 2.06 0.33
C THR A 414 -9.16 1.36 1.12
N ALA A 415 -10.39 1.64 0.71
CA ALA A 415 -11.57 1.13 1.38
C ALA A 415 -11.77 -0.34 1.11
N PRO A 416 -12.52 -1.03 1.97
CA PRO A 416 -12.84 -2.42 1.74
C PRO A 416 -13.67 -2.55 0.48
N ASP A 417 -13.23 -3.39 -0.44
CA ASP A 417 -13.91 -3.53 -1.72
C ASP A 417 -15.24 -4.23 -1.60
N THR A 418 -15.34 -5.13 -0.65
CA THR A 418 -16.53 -5.94 -0.47
C THR A 418 -17.76 -5.22 0.09
N THR A 419 -17.54 -4.28 0.99
CA THR A 419 -18.65 -3.62 1.65
C THR A 419 -19.01 -2.28 1.05
N ARG A 420 -19.98 -1.62 1.67
CA ARG A 420 -20.41 -0.29 1.24
C ARG A 420 -19.33 0.76 1.32
N ALA A 421 -18.36 0.54 2.20
CA ALA A 421 -17.29 1.52 2.43
C ALA A 421 -16.57 1.84 1.14
N HIS A 422 -16.52 0.87 0.25
CA HIS A 422 -15.82 1.00 -1.00
C HIS A 422 -16.36 2.20 -1.75
N LEU A 423 -17.67 2.27 -1.79
CA LEU A 423 -18.34 3.36 -2.50
C LEU A 423 -17.95 4.67 -1.89
N ARG A 424 -17.99 4.72 -0.56
CA ARG A 424 -17.68 5.92 0.15
C ARG A 424 -16.29 6.36 -0.24
N GLY A 425 -15.37 5.40 -0.28
CA GLY A 425 -14.00 5.73 -0.53
C GLY A 425 -13.89 6.41 -1.87
N ARG A 426 -14.62 5.87 -2.84
CA ARG A 426 -14.51 6.36 -4.18
C ARG A 426 -14.85 7.82 -4.19
N ILE A 427 -15.94 8.16 -3.52
CA ILE A 427 -16.40 9.53 -3.56
C ILE A 427 -15.33 10.39 -2.97
N LEU A 428 -14.83 9.97 -1.82
CA LEU A 428 -13.91 10.81 -1.09
C LEU A 428 -12.70 11.01 -1.96
N LYS A 429 -12.21 9.93 -2.55
CA LYS A 429 -10.99 10.05 -3.33
C LYS A 429 -11.23 11.02 -4.45
N ALA A 430 -12.36 10.85 -5.12
CA ALA A 430 -12.66 11.65 -6.28
C ALA A 430 -12.69 13.09 -5.85
N ALA A 431 -13.34 13.32 -4.71
CA ALA A 431 -13.51 14.69 -4.24
C ALA A 431 -12.16 15.31 -4.05
N ASP A 432 -11.29 14.58 -3.38
CA ASP A 432 -9.99 15.11 -3.04
C ASP A 432 -9.22 15.43 -4.30
N THR A 433 -9.37 14.59 -5.32
CA THR A 433 -8.65 14.82 -6.55
C THR A 433 -9.25 16.00 -7.28
N LEU A 434 -10.57 16.07 -7.27
CA LEU A 434 -11.30 17.11 -7.98
C LEU A 434 -11.26 18.44 -7.25
N GLY A 435 -11.22 18.39 -5.93
CA GLY A 435 -11.21 19.59 -5.12
C GLY A 435 -12.61 20.10 -4.87
N VAL A 436 -13.58 19.22 -5.02
CA VAL A 436 -14.96 19.53 -4.72
C VAL A 436 -15.35 19.11 -3.30
N PRO A 437 -16.06 20.00 -2.58
CA PRO A 437 -16.52 19.74 -1.22
C PRO A 437 -17.57 18.65 -1.19
N VAL A 438 -17.48 17.77 -0.21
CA VAL A 438 -18.42 16.68 -0.09
C VAL A 438 -18.78 16.48 1.37
N THR A 439 -19.99 16.04 1.65
CA THR A 439 -20.39 15.71 3.00
C THR A 439 -20.83 14.26 3.07
N VAL A 440 -20.22 13.50 3.96
CA VAL A 440 -20.38 12.07 3.96
C VAL A 440 -20.73 11.55 5.35
N ASP A 441 -21.47 10.45 5.38
CA ASP A 441 -21.91 9.82 6.60
C ASP A 441 -21.89 8.32 6.35
N TRP A 442 -22.23 7.52 7.35
CA TRP A 442 -22.25 6.09 7.11
C TRP A 442 -23.26 5.76 6.03
N MET A 443 -24.48 6.24 6.21
CA MET A 443 -25.53 6.03 5.24
C MET A 443 -25.59 7.07 4.12
N ARG A 444 -25.29 8.33 4.44
CA ARG A 444 -25.61 9.40 3.51
C ARG A 444 -24.39 10.09 2.94
N HIS A 445 -24.34 10.17 1.62
CA HIS A 445 -23.22 10.80 0.95
C HIS A 445 -23.74 11.83 -0.03
N LYS A 446 -23.26 13.05 0.07
CA LYS A 446 -23.75 14.10 -0.79
C LYS A 446 -22.69 15.06 -1.27
N VAL A 447 -22.95 15.66 -2.41
CA VAL A 447 -22.08 16.68 -2.98
C VAL A 447 -22.69 18.03 -2.71
N ASN A 448 -21.98 18.86 -1.97
CA ASN A 448 -22.52 20.15 -1.57
C ASN A 448 -22.70 21.17 -2.68
N ARG A 449 -21.76 21.23 -3.60
CA ARG A 449 -21.75 22.31 -4.57
C ARG A 449 -21.38 21.87 -5.98
N PRO A 450 -21.78 22.66 -7.00
CA PRO A 450 -22.59 23.89 -6.94
C PRO A 450 -24.04 23.66 -6.52
N GLU A 451 -24.64 22.61 -7.03
CA GLU A 451 -25.97 22.21 -6.61
C GLU A 451 -25.93 20.89 -5.89
N PRO A 452 -26.50 20.86 -4.67
CA PRO A 452 -26.42 19.69 -3.81
C PRO A 452 -27.05 18.47 -4.41
N GLN A 453 -26.29 17.39 -4.41
CA GLN A 453 -26.78 16.11 -4.86
C GLN A 453 -26.50 15.07 -3.80
N SER A 454 -27.55 14.39 -3.37
CA SER A 454 -27.44 13.45 -2.26
C SER A 454 -27.81 12.04 -2.65
N VAL A 455 -26.98 11.09 -2.25
CA VAL A 455 -27.26 9.69 -2.40
C VAL A 455 -27.27 9.02 -1.03
N GLU A 456 -28.28 8.22 -0.77
CA GLU A 456 -28.34 7.49 0.49
C GLU A 456 -28.07 6.02 0.26
N LEU A 457 -27.07 5.49 0.95
CA LEU A 457 -26.75 4.09 0.79
C LEU A 457 -27.32 3.33 1.97
N GLY A 458 -28.43 2.64 1.72
CA GLY A 458 -29.09 1.84 2.72
C GLY A 458 -28.41 0.54 2.99
N ASP A 459 -27.87 -0.05 1.93
CA ASP A 459 -27.31 -1.39 2.00
C ASP A 459 -25.82 -1.32 2.23
N PRO A 460 -25.39 -1.77 3.41
CA PRO A 460 -23.99 -1.87 3.82
C PRO A 460 -23.23 -2.89 2.99
N PHE A 461 -23.91 -3.93 2.56
CA PHE A 461 -23.26 -4.98 1.81
C PHE A 461 -22.89 -4.58 0.39
N SER A 462 -23.72 -3.78 -0.26
CA SER A 462 -23.50 -3.45 -1.66
C SER A 462 -22.33 -2.53 -1.88
N ALA A 463 -21.41 -2.97 -2.74
CA ALA A 463 -20.25 -2.18 -3.12
C ALA A 463 -20.46 -1.49 -4.45
N VAL A 464 -21.63 -1.70 -5.04
CA VAL A 464 -21.94 -1.07 -6.31
C VAL A 464 -23.26 -0.32 -6.26
N ASN A 465 -23.19 0.96 -6.59
CA ASN A 465 -24.36 1.82 -6.71
C ASN A 465 -24.28 2.70 -7.93
N SER A 466 -25.32 2.69 -8.76
CA SER A 466 -25.37 3.52 -9.95
C SER A 466 -25.36 5.02 -9.66
N GLU A 467 -26.11 5.41 -8.63
CA GLU A 467 -26.23 6.81 -8.26
C GLU A 467 -24.89 7.41 -7.89
N VAL A 468 -24.06 6.61 -7.24
CA VAL A 468 -22.72 7.04 -6.86
C VAL A 468 -21.90 7.32 -8.11
N ASP A 469 -22.03 6.45 -9.09
CA ASP A 469 -21.31 6.59 -10.34
C ASP A 469 -21.68 7.89 -11.01
N GLN A 470 -22.98 8.18 -11.03
CA GLN A 470 -23.47 9.44 -11.58
C GLN A 470 -22.98 10.64 -10.80
N LEU A 471 -22.87 10.48 -9.48
CA LEU A 471 -22.39 11.54 -8.61
C LEU A 471 -20.96 11.92 -8.92
N ILE A 472 -20.12 10.90 -9.05
CA ILE A 472 -18.72 11.10 -9.36
C ILE A 472 -18.56 11.70 -10.74
N GLU A 473 -19.40 11.24 -11.66
CA GLU A 473 -19.38 11.80 -13.00
C GLU A 473 -19.72 13.27 -12.97
N TYR A 474 -20.69 13.62 -12.15
CA TYR A 474 -21.12 14.99 -12.01
C TYR A 474 -19.97 15.84 -11.53
N MET A 475 -19.28 15.32 -10.53
CA MET A 475 -18.16 16.00 -9.95
C MET A 475 -17.08 16.22 -11.00
N THR A 476 -16.80 15.19 -11.79
CA THR A 476 -15.76 15.32 -12.82
C THR A 476 -16.14 16.34 -13.87
N VAL A 477 -17.41 16.33 -14.27
CA VAL A 477 -17.89 17.25 -15.28
C VAL A 477 -17.66 18.68 -14.83
N HIS A 478 -18.15 19.01 -13.65
CA HIS A 478 -17.96 20.38 -13.16
C HIS A 478 -16.50 20.71 -12.88
N ALA A 479 -15.73 19.69 -12.51
CA ALA A 479 -14.29 19.87 -12.30
C ALA A 479 -13.62 20.61 -13.46
N GLY A 485 -10.59 27.84 -17.63
CA GLY A 485 -9.51 27.36 -18.48
C GLY A 485 -8.25 28.20 -18.35
N SER A 486 -8.40 29.51 -18.41
CA SER A 486 -7.26 30.42 -18.43
C SER A 486 -6.60 30.57 -17.06
N ALA A 487 -7.43 30.69 -16.03
CA ALA A 487 -6.95 30.87 -14.67
C ALA A 487 -6.11 29.68 -14.23
N SER A 488 -6.56 28.50 -14.63
CA SER A 488 -5.86 27.25 -14.32
C SER A 488 -4.43 27.30 -14.83
N GLY A 489 -4.29 27.55 -16.13
CA GLY A 489 -2.97 27.67 -16.72
C GLY A 489 -2.15 28.78 -16.11
N THR A 490 -2.81 29.86 -15.68
CA THR A 490 -2.10 31.00 -15.11
C THR A 490 -1.45 30.67 -13.77
N SER A 491 -2.28 30.19 -12.86
CA SER A 491 -1.82 29.68 -11.59
C SER A 491 -0.73 28.65 -11.82
N LEU A 492 -0.91 27.82 -12.85
CA LEU A 492 0.05 26.78 -13.12
C LEU A 492 1.41 27.34 -13.46
N LEU A 493 1.45 28.32 -14.34
CA LEU A 493 2.72 28.88 -14.76
C LEU A 493 3.40 29.51 -13.57
N ASP A 494 2.61 30.15 -12.73
CA ASP A 494 3.18 30.80 -11.58
C ASP A 494 3.79 29.78 -10.62
N GLU A 495 3.05 28.70 -10.40
CA GLU A 495 3.47 27.64 -9.50
C GLU A 495 4.78 27.04 -9.98
N ILE A 496 4.86 26.79 -11.28
CA ILE A 496 6.06 26.21 -11.85
C ILE A 496 7.22 27.16 -11.66
N ASP A 497 6.96 28.45 -11.81
CA ASP A 497 8.01 29.42 -11.56
C ASP A 497 8.49 29.36 -10.12
N GLY A 498 7.57 29.13 -9.21
CA GLY A 498 7.93 29.00 -7.80
C GLY A 498 8.80 27.80 -7.54
N LEU A 499 8.44 26.70 -8.18
CA LEU A 499 9.15 25.44 -8.04
C LEU A 499 10.54 25.45 -8.65
N LEU A 500 10.69 26.09 -9.79
CA LEU A 500 11.94 26.07 -10.52
C LEU A 500 12.98 26.98 -9.89
N GLU A 501 14.24 26.56 -9.91
CA GLU A 501 15.34 27.40 -9.45
C GLU A 501 15.50 28.57 -10.39
N ASN A 502 15.64 29.77 -9.84
CA ASN A 502 15.60 30.98 -10.63
C ASN A 502 16.71 31.11 -11.65
N ASN A 503 17.91 30.64 -11.31
CA ASN A 503 18.94 30.67 -12.34
C ASN A 503 18.82 29.37 -13.09
N ALA A 504 18.19 29.44 -14.26
CA ALA A 504 17.91 28.27 -15.07
C ALA A 504 19.12 27.79 -15.84
N GLU A 505 19.79 28.75 -16.43
CA GLU A 505 20.88 28.51 -17.33
C GLU A 505 22.00 27.79 -16.61
N GLU A 506 22.27 28.23 -15.39
CA GLU A 506 23.27 27.59 -14.57
C GLU A 506 22.83 26.20 -14.14
N PHE A 507 21.54 26.05 -13.86
CA PHE A 507 21.02 24.76 -13.42
C PHE A 507 21.18 23.69 -14.49
N VAL A 508 20.77 24.02 -15.71
CA VAL A 508 20.93 23.09 -16.82
C VAL A 508 22.40 22.88 -17.18
N ARG A 509 23.18 23.96 -17.18
CA ARG A 509 24.60 23.81 -17.54
C ARG A 509 25.30 22.88 -16.60
N SER A 510 24.96 23.01 -15.32
CA SER A 510 25.58 22.24 -14.28
C SER A 510 25.30 20.76 -14.44
N TYR A 511 24.11 20.41 -14.89
CA TYR A 511 23.74 19.01 -14.97
C TYR A 511 24.58 18.27 -15.99
N VAL A 512 25.31 17.28 -15.49
CA VAL A 512 26.21 16.46 -16.29
C VAL A 512 26.18 15.03 -15.78
N GLN A 513 26.20 14.08 -16.71
CA GLN A 513 26.08 12.67 -16.41
C GLN A 513 26.96 11.86 -17.34
N LYS A 514 27.30 10.66 -16.90
CA LYS A 514 28.06 9.70 -17.68
C LYS A 514 27.11 8.75 -18.41
N GLY A 515 27.45 8.27 -19.59
CA GLY A 515 26.58 7.31 -20.23
C GLY A 515 26.65 5.94 -19.59
N GLY A 516 25.50 5.32 -19.39
CA GLY A 516 25.40 3.98 -18.83
C GLY A 516 25.13 2.90 -19.87
N GLU A 517 25.59 1.68 -19.59
CA GLU A 517 25.34 0.51 -20.43
C GLU A 517 25.54 0.78 -21.93
N THR B 5 -2.09 -19.53 -37.23
CA THR B 5 -2.11 -20.02 -35.85
C THR B 5 -2.27 -18.89 -34.82
N VAL B 6 -3.52 -18.50 -34.59
CA VAL B 6 -3.83 -17.44 -33.65
C VAL B 6 -3.51 -17.82 -32.21
N GLU B 7 -3.67 -19.08 -31.89
CA GLU B 7 -3.46 -19.57 -30.54
C GLU B 7 -1.99 -19.46 -30.12
N SER B 8 -1.09 -19.61 -31.09
CA SER B 8 0.34 -19.62 -30.83
C SER B 8 0.88 -18.32 -30.25
N ALA B 9 0.29 -17.20 -30.65
CA ALA B 9 0.70 -15.89 -30.17
C ALA B 9 0.69 -15.79 -28.66
N LEU B 10 1.69 -15.15 -28.08
CA LEU B 10 1.75 -15.12 -26.63
C LEU B 10 1.01 -13.91 -26.11
N THR B 11 -0.19 -14.18 -25.63
CA THR B 11 -1.08 -13.17 -25.12
C THR B 11 -0.66 -12.82 -23.70
N ARG B 12 -0.21 -13.84 -23.00
CA ARG B 12 0.40 -13.65 -21.71
C ARG B 12 1.89 -13.79 -21.86
N ARG B 13 2.60 -12.69 -21.67
CA ARG B 13 4.03 -12.68 -21.88
C ARG B 13 4.72 -12.00 -20.73
N ILE B 14 5.89 -12.52 -20.38
CA ILE B 14 6.70 -11.90 -19.36
C ILE B 14 7.37 -10.67 -19.94
N MET B 15 7.23 -9.55 -19.24
CA MET B 15 7.88 -8.30 -19.59
C MET B 15 8.56 -7.61 -18.43
N GLY B 16 9.79 -7.15 -18.66
CA GLY B 16 10.50 -6.37 -17.67
C GLY B 16 10.89 -4.98 -18.14
N ILE B 17 11.17 -4.09 -17.19
CA ILE B 17 11.66 -2.76 -17.54
C ILE B 17 12.95 -2.42 -16.81
N GLU B 18 13.95 -1.92 -17.53
CA GLU B 18 15.18 -1.45 -16.91
C GLU B 18 15.24 0.05 -16.99
N THR B 19 15.26 0.70 -15.84
CA THR B 19 15.28 2.15 -15.79
C THR B 19 16.54 2.68 -15.13
N GLU B 20 17.25 3.54 -15.84
CA GLU B 20 18.43 4.21 -15.32
C GLU B 20 18.08 5.63 -14.98
N TYR B 21 18.36 6.06 -13.76
CA TYR B 21 17.94 7.39 -13.34
C TYR B 21 19.07 8.39 -13.39
N GLY B 22 18.78 9.55 -13.97
CA GLY B 22 19.67 10.69 -13.87
C GLY B 22 19.71 11.16 -12.43
N LEU B 23 20.90 11.45 -11.93
CA LEU B 23 21.04 11.84 -10.55
C LEU B 23 21.97 13.02 -10.35
N THR B 24 21.52 14.02 -9.61
CA THR B 24 22.41 15.10 -9.26
C THR B 24 22.09 15.70 -7.90
N PHE B 25 23.09 16.29 -7.26
CA PHE B 25 22.88 16.99 -6.01
C PHE B 25 23.28 18.46 -6.15
N VAL B 26 22.32 19.37 -6.07
CA VAL B 26 22.62 20.77 -6.31
C VAL B 26 22.11 21.73 -5.24
N ASP B 27 23.02 22.58 -4.78
CA ASP B 27 22.68 23.84 -4.14
C ASP B 27 22.36 24.82 -5.23
N GLY B 28 21.66 25.90 -4.90
CA GLY B 28 21.37 26.90 -5.90
C GLY B 28 22.66 27.39 -6.51
N ASP B 29 22.69 27.47 -7.84
CA ASP B 29 23.77 28.10 -8.60
C ASP B 29 25.03 27.23 -8.77
N SER B 30 25.00 26.02 -8.22
CA SER B 30 26.14 25.10 -8.32
C SER B 30 25.73 23.65 -8.15
N LYS B 31 26.60 22.73 -8.49
CA LYS B 31 26.34 21.35 -8.14
C LYS B 31 27.14 20.99 -6.91
N LYS B 32 26.44 20.62 -5.85
CA LYS B 32 27.08 20.31 -4.59
C LYS B 32 27.96 19.08 -4.62
N LEU B 33 27.54 18.04 -5.32
CA LEU B 33 28.27 16.78 -5.23
C LEU B 33 28.47 16.10 -6.56
N ARG B 34 29.49 15.26 -6.63
CA ARG B 34 29.65 14.42 -7.81
C ARG B 34 28.55 13.37 -7.81
N PRO B 35 28.13 12.97 -9.00
CA PRO B 35 27.08 11.96 -9.13
C PRO B 35 27.47 10.63 -8.50
N ASP B 36 28.72 10.21 -8.64
CA ASP B 36 29.15 8.98 -8.01
C ASP B 36 29.05 9.08 -6.50
N GLU B 37 29.38 10.27 -5.99
CA GLU B 37 29.34 10.50 -4.57
C GLU B 37 27.93 10.48 -4.00
N ILE B 38 27.01 11.19 -4.65
CA ILE B 38 25.63 11.24 -4.20
C ILE B 38 24.99 9.87 -4.38
N ALA B 39 25.39 9.15 -5.42
CA ALA B 39 24.88 7.81 -5.64
C ALA B 39 25.29 6.89 -4.52
N ARG B 40 26.56 6.98 -4.16
CA ARG B 40 27.11 6.18 -3.10
C ARG B 40 26.38 6.50 -1.82
N ARG B 41 26.07 7.78 -1.63
CA ARG B 41 25.33 8.19 -0.47
C ARG B 41 23.94 7.63 -0.42
N MET B 42 23.25 7.64 -1.54
CA MET B 42 21.89 7.14 -1.58
C MET B 42 21.86 5.66 -1.29
N PHE B 43 22.87 4.95 -1.76
CA PHE B 43 22.91 3.51 -1.61
C PHE B 43 23.62 3.10 -0.33
N ARG B 44 24.09 4.06 0.44
CA ARG B 44 24.87 3.75 1.63
C ARG B 44 24.12 2.91 2.66
N PRO B 45 22.84 3.22 2.93
CA PRO B 45 22.13 2.35 3.88
C PRO B 45 22.02 0.91 3.41
N ILE B 46 21.78 0.72 2.13
CA ILE B 46 21.67 -0.61 1.56
C ILE B 46 22.97 -1.38 1.69
N VAL B 47 24.08 -0.70 1.41
CA VAL B 47 25.39 -1.33 1.48
C VAL B 47 25.75 -1.77 2.90
N GLU B 48 25.37 -0.97 3.88
CA GLU B 48 25.66 -1.31 5.27
C GLU B 48 24.97 -2.59 5.68
N LYS B 49 23.73 -2.75 5.24
CA LYS B 49 22.95 -3.90 5.63
C LYS B 49 23.40 -5.16 4.91
N TYR B 50 23.47 -5.07 3.59
CA TYR B 50 23.77 -6.24 2.76
C TYR B 50 25.21 -6.38 2.27
N SER B 51 26.07 -5.41 2.56
CA SER B 51 27.47 -5.48 2.14
C SER B 51 27.60 -5.41 0.63
N SER B 52 26.49 -5.15 -0.05
CA SER B 52 26.50 -5.04 -1.50
C SER B 52 25.72 -3.83 -1.98
N SER B 53 26.24 -3.22 -3.04
CA SER B 53 25.53 -2.17 -3.76
C SER B 53 24.37 -2.71 -4.59
N ASN B 54 24.47 -3.96 -5.01
CA ASN B 54 23.45 -4.59 -5.84
C ASN B 54 22.60 -5.56 -5.05
N ILE B 55 21.29 -5.31 -5.00
CA ILE B 55 20.38 -6.14 -4.22
C ILE B 55 19.01 -6.31 -4.87
N PHE B 56 18.28 -7.31 -4.40
CA PHE B 56 16.90 -7.56 -4.79
C PHE B 56 15.97 -7.16 -3.66
N ILE B 57 15.04 -6.27 -3.95
CA ILE B 57 14.10 -5.81 -2.96
C ILE B 57 12.89 -6.73 -2.89
N PRO B 58 12.14 -6.69 -1.79
CA PRO B 58 11.03 -7.62 -1.56
C PRO B 58 9.96 -7.65 -2.64
N ASN B 59 9.71 -6.55 -3.34
CA ASN B 59 8.76 -6.60 -4.43
C ASN B 59 9.27 -7.45 -5.59
N GLY B 60 10.55 -7.76 -5.59
CA GLY B 60 11.11 -8.69 -6.54
C GLY B 60 11.89 -8.00 -7.62
N SER B 61 11.91 -6.68 -7.57
CA SER B 61 12.68 -5.89 -8.49
C SER B 61 14.14 -5.84 -8.10
N ARG B 62 14.99 -5.59 -9.08
CA ARG B 62 16.40 -5.50 -8.81
C ARG B 62 16.79 -4.04 -8.72
N LEU B 63 17.44 -3.68 -7.62
CA LEU B 63 17.87 -2.32 -7.39
C LEU B 63 19.37 -2.28 -7.29
N TYR B 64 20.02 -1.53 -8.17
CA TYR B 64 21.47 -1.54 -8.11
C TYR B 64 22.10 -0.28 -8.64
N LEU B 65 23.38 -0.14 -8.32
CA LEU B 65 24.16 1.00 -8.77
C LEU B 65 24.97 0.63 -10.00
N ASN B 66 24.71 1.35 -11.09
CA ASN B 66 25.34 1.08 -12.37
C ASN B 66 26.81 1.49 -12.42
N VAL B 67 27.54 0.93 -13.38
CA VAL B 67 28.91 1.33 -13.64
C VAL B 67 28.96 2.81 -14.03
N GLY B 68 27.92 3.25 -14.72
CA GLY B 68 27.76 4.64 -15.09
C GLY B 68 27.50 5.52 -13.89
N SER B 69 27.29 4.87 -12.74
CA SER B 69 27.00 5.51 -11.45
C SER B 69 25.53 5.82 -11.36
N HIS B 70 24.77 5.42 -12.36
CA HIS B 70 23.34 5.60 -12.32
C HIS B 70 22.67 4.59 -11.43
N PRO B 71 21.79 5.07 -10.55
CA PRO B 71 20.92 4.12 -9.89
C PRO B 71 19.96 3.53 -10.90
N GLU B 72 19.87 2.22 -10.88
CA GLU B 72 19.07 1.48 -11.84
C GLU B 72 18.06 0.61 -11.13
N TYR B 73 16.83 0.69 -11.61
CA TYR B 73 15.75 -0.09 -11.10
C TYR B 73 15.24 -0.98 -12.21
N ALA B 74 15.26 -2.27 -11.97
CA ALA B 74 14.76 -3.22 -12.94
C ALA B 74 13.53 -3.89 -12.40
N THR B 75 12.43 -3.80 -13.14
CA THR B 75 11.16 -4.31 -12.66
C THR B 75 11.14 -5.81 -12.52
N ALA B 76 10.34 -6.26 -11.58
CA ALA B 76 10.04 -7.66 -11.43
C ALA B 76 9.29 -8.15 -12.65
N GLU B 77 9.36 -9.45 -12.91
CA GLU B 77 8.66 -10.00 -14.06
C GLU B 77 7.17 -9.76 -13.95
N CYS B 78 6.59 -9.24 -15.02
CA CYS B 78 5.18 -8.93 -15.05
C CYS B 78 4.55 -9.58 -16.26
N ASP B 79 3.39 -10.20 -16.08
CA ASP B 79 2.65 -10.80 -17.17
C ASP B 79 1.51 -9.93 -17.68
N ASN B 80 1.31 -8.79 -17.04
CA ASN B 80 0.21 -7.90 -17.38
C ASN B 80 0.73 -6.48 -17.58
N LEU B 81 0.20 -5.75 -18.55
CA LEU B 81 0.72 -4.44 -18.90
C LEU B 81 0.57 -3.39 -17.81
N THR B 82 -0.63 -3.33 -17.24
CA THR B 82 -0.95 -2.40 -16.18
C THR B 82 -0.08 -2.70 -14.97
N GLN B 83 0.17 -3.98 -14.77
CA GLN B 83 1.01 -4.47 -13.71
C GLN B 83 2.39 -3.90 -13.86
N LEU B 84 2.88 -3.99 -15.09
CA LEU B 84 4.21 -3.53 -15.42
C LEU B 84 4.33 -2.05 -15.12
N ILE B 85 3.32 -1.31 -15.52
CA ILE B 85 3.32 0.11 -15.27
C ILE B 85 3.37 0.38 -13.79
N ASN B 86 2.60 -0.39 -13.03
CA ASN B 86 2.55 -0.20 -11.59
C ASN B 86 3.91 -0.35 -10.94
N PHE B 87 4.61 -1.41 -11.29
CA PHE B 87 5.91 -1.63 -10.68
C PHE B 87 6.97 -0.65 -11.16
N GLU B 88 6.87 -0.27 -12.42
CA GLU B 88 7.77 0.74 -12.92
C GLU B 88 7.61 2.05 -12.18
N LYS B 89 6.37 2.43 -11.94
CA LYS B 89 6.07 3.62 -11.18
C LYS B 89 6.51 3.48 -9.74
N ALA B 90 6.39 2.27 -9.21
CA ALA B 90 6.82 1.98 -7.84
C ALA B 90 8.29 2.27 -7.66
N GLY B 91 9.05 2.04 -8.72
CA GLY B 91 10.47 2.31 -8.69
C GLY B 91 10.79 3.76 -8.39
N ASP B 92 9.95 4.65 -8.92
CA ASP B 92 10.12 6.07 -8.67
C ASP B 92 9.95 6.38 -7.20
N VAL B 93 8.97 5.77 -6.58
CA VAL B 93 8.73 5.98 -5.17
C VAL B 93 9.91 5.54 -4.36
N ILE B 94 10.39 4.35 -4.64
CA ILE B 94 11.48 3.81 -3.85
C ILE B 94 12.72 4.68 -3.99
N ALA B 95 13.03 5.02 -5.23
CA ALA B 95 14.21 5.81 -5.53
C ALA B 95 14.15 7.18 -4.89
N ASP B 96 13.00 7.81 -4.97
CA ASP B 96 12.83 9.13 -4.38
C ASP B 96 12.99 9.06 -2.88
N ARG B 97 12.49 7.98 -2.28
CA ARG B 97 12.65 7.82 -0.84
C ARG B 97 14.10 7.78 -0.47
N MET B 98 14.85 7.02 -1.25
CA MET B 98 16.28 6.91 -1.02
C MET B 98 16.93 8.28 -1.11
N ALA B 99 16.51 9.05 -2.11
CA ALA B 99 17.04 10.37 -2.32
C ALA B 99 16.79 11.33 -1.17
N VAL B 100 15.56 11.36 -0.69
CA VAL B 100 15.21 12.24 0.41
C VAL B 100 16.00 11.84 1.65
N ASP B 101 16.15 10.53 1.84
CA ASP B 101 16.92 10.06 2.97
C ASP B 101 18.34 10.60 2.88
N ALA B 102 18.88 10.58 1.68
CA ALA B 102 20.23 11.11 1.47
C ALA B 102 20.28 12.60 1.79
N GLU B 103 19.24 13.33 1.41
CA GLU B 103 19.20 14.76 1.68
C GLU B 103 19.24 15.03 3.15
N GLU B 104 18.47 14.26 3.90
CA GLU B 104 18.42 14.44 5.33
C GLU B 104 19.77 14.13 5.97
N SER B 105 20.38 13.05 5.52
CA SER B 105 21.67 12.66 6.07
C SER B 105 22.75 13.70 5.80
N LEU B 106 22.77 14.24 4.59
CA LEU B 106 23.72 15.30 4.27
C LEU B 106 23.42 16.56 5.04
N ALA B 107 22.14 16.82 5.26
CA ALA B 107 21.71 17.99 5.99
C ALA B 107 22.23 17.98 7.40
N LYS B 108 22.21 16.81 8.03
CA LYS B 108 22.77 16.68 9.36
C LYS B 108 24.25 17.03 9.37
N GLU B 109 24.91 16.69 8.27
CA GLU B 109 26.35 16.88 8.11
C GLU B 109 26.77 18.31 7.81
N ASP B 110 25.80 19.20 7.69
CA ASP B 110 26.02 20.62 7.41
C ASP B 110 26.18 20.81 5.91
N ILE B 111 26.03 19.74 5.16
CA ILE B 111 26.02 19.81 3.71
C ILE B 111 24.60 20.03 3.22
N ALA B 112 24.36 21.17 2.60
CA ALA B 112 23.01 21.55 2.18
C ALA B 112 22.82 21.47 0.67
N GLY B 113 21.82 20.73 0.25
CA GLY B 113 21.53 20.61 -1.16
C GLY B 113 20.19 19.95 -1.44
N GLN B 114 19.80 19.92 -2.70
CA GLN B 114 18.62 19.18 -3.09
C GLN B 114 18.93 18.10 -4.12
N VAL B 115 18.47 16.87 -3.86
CA VAL B 115 18.64 15.77 -4.80
C VAL B 115 17.63 15.79 -5.93
N TYR B 116 18.11 15.56 -7.13
CA TYR B 116 17.27 15.47 -8.31
C TYR B 116 17.46 14.13 -8.99
N LEU B 117 16.36 13.41 -9.15
CA LEU B 117 16.34 12.18 -9.91
C LEU B 117 15.46 12.39 -11.11
N PHE B 118 16.03 12.19 -12.29
CA PHE B 118 15.36 12.45 -13.54
C PHE B 118 15.12 11.14 -14.24
N LYS B 119 13.88 10.89 -14.63
CA LYS B 119 13.65 9.77 -15.50
C LYS B 119 13.57 10.35 -16.88
N ASN B 120 14.71 10.36 -17.56
CA ASN B 120 14.91 10.95 -18.87
C ASN B 120 16.13 10.27 -19.44
N ASN B 121 16.40 10.43 -20.72
CA ASN B 121 17.57 9.81 -21.29
C ASN B 121 18.83 10.63 -21.56
N VAL B 122 18.79 11.94 -21.34
CA VAL B 122 19.93 12.79 -21.73
C VAL B 122 20.31 13.87 -20.74
N ASP B 123 21.50 14.42 -20.94
CA ASP B 123 22.01 15.51 -20.15
C ASP B 123 22.45 16.65 -21.06
N SER B 124 22.71 17.80 -20.48
CA SER B 124 23.11 19.00 -21.23
C SER B 124 24.30 18.78 -22.15
N VAL B 125 25.26 17.99 -21.69
CA VAL B 125 26.42 17.62 -22.49
C VAL B 125 26.06 16.74 -23.68
N GLY B 126 25.03 15.93 -23.52
CA GLY B 126 24.68 14.97 -24.55
C GLY B 126 25.06 13.51 -24.31
N ASN B 127 25.40 13.16 -23.09
CA ASN B 127 25.52 11.75 -22.73
C ASN B 127 24.15 11.13 -22.58
N SER B 128 24.04 9.82 -22.84
CA SER B 128 22.74 9.17 -22.82
C SER B 128 22.68 7.93 -21.94
N TYR B 129 21.59 7.85 -21.20
CA TYR B 129 21.25 6.66 -20.43
C TYR B 129 19.84 6.21 -20.80
N GLY B 130 19.63 4.91 -20.96
CA GLY B 130 18.37 4.44 -21.53
C GLY B 130 17.33 3.78 -20.64
N CYS B 131 16.10 3.72 -21.15
CA CYS B 131 15.07 2.86 -20.59
C CYS B 131 15.05 1.59 -21.42
N HIS B 132 15.10 0.44 -20.77
CA HIS B 132 15.21 -0.78 -21.54
C HIS B 132 14.03 -1.70 -21.34
N GLU B 133 13.56 -2.27 -22.46
CA GLU B 133 12.40 -3.15 -22.43
C GLU B 133 12.79 -4.59 -22.64
N ASN B 134 12.24 -5.48 -21.82
CA ASN B 134 12.48 -6.90 -21.99
C ASN B 134 11.20 -7.66 -22.26
N TYR B 135 11.20 -8.42 -23.35
CA TYR B 135 10.03 -9.22 -23.70
C TYR B 135 10.40 -10.69 -23.85
N LEU B 136 9.64 -11.56 -23.20
CA LEU B 136 9.84 -12.99 -23.36
C LEU B 136 9.39 -13.46 -24.72
N VAL B 137 10.17 -14.32 -25.36
CA VAL B 137 9.78 -14.89 -26.63
C VAL B 137 10.20 -16.34 -26.71
N GLY B 138 9.59 -17.09 -27.62
CA GLY B 138 9.97 -18.46 -27.84
C GLY B 138 11.34 -18.55 -28.47
N ARG B 139 12.06 -19.63 -28.19
CA ARG B 139 13.36 -19.81 -28.82
C ARG B 139 13.20 -19.98 -30.31
N SER B 140 12.13 -20.65 -30.71
CA SER B 140 11.89 -20.96 -32.10
C SER B 140 11.88 -19.72 -32.96
N MET B 141 11.40 -18.62 -32.38
CA MET B 141 11.19 -17.41 -33.14
C MET B 141 12.46 -16.91 -33.78
N PRO B 142 12.40 -16.70 -35.10
CA PRO B 142 13.57 -16.32 -35.88
C PRO B 142 13.93 -14.85 -35.74
N LEU B 143 15.21 -14.56 -35.87
CA LEU B 143 15.71 -13.21 -35.88
C LEU B 143 15.29 -12.46 -37.13
N LYS B 144 15.33 -13.18 -38.24
CA LYS B 144 15.14 -12.61 -39.54
C LYS B 144 13.77 -11.97 -39.63
N ALA B 145 12.79 -12.65 -39.05
CA ALA B 145 11.43 -12.17 -39.04
C ALA B 145 11.33 -10.88 -38.26
N LEU B 146 12.07 -10.80 -37.16
CA LEU B 146 12.03 -9.65 -36.31
C LEU B 146 12.60 -8.48 -37.07
N GLY B 147 13.65 -8.74 -37.84
CA GLY B 147 14.26 -7.70 -38.64
C GLY B 147 13.33 -7.18 -39.69
N LYS B 148 12.57 -8.07 -40.31
CA LYS B 148 11.63 -7.67 -41.33
C LYS B 148 10.40 -6.94 -40.76
N ARG B 149 9.83 -7.45 -39.68
CA ARG B 149 8.58 -6.92 -39.14
C ARG B 149 8.75 -5.98 -37.95
N LEU B 150 9.38 -6.45 -36.88
CA LEU B 150 9.50 -5.66 -35.67
C LEU B 150 10.30 -4.36 -35.82
N MET B 151 11.43 -4.43 -36.50
CA MET B 151 12.35 -3.31 -36.58
C MET B 151 11.82 -2.04 -37.23
N PRO B 152 11.06 -2.16 -38.33
CA PRO B 152 10.47 -0.98 -38.94
C PRO B 152 9.53 -0.25 -38.01
N PHE B 153 8.78 -1.03 -37.23
CA PHE B 153 7.88 -0.48 -36.25
C PHE B 153 8.63 0.29 -35.17
N LEU B 154 9.74 -0.30 -34.72
CA LEU B 154 10.50 0.28 -33.63
C LEU B 154 11.08 1.62 -34.00
N ILE B 155 11.55 1.74 -35.23
CA ILE B 155 12.14 2.98 -35.70
C ILE B 155 11.12 4.09 -35.75
N THR B 156 9.94 3.75 -36.22
CA THR B 156 8.86 4.71 -36.34
C THR B 156 8.12 4.93 -35.04
N ARG B 157 8.31 4.03 -34.09
CA ARG B 157 7.51 4.06 -32.87
C ARG B 157 7.69 5.33 -32.07
N GLN B 158 8.83 5.98 -32.23
CA GLN B 158 9.14 7.16 -31.47
C GLN B 158 8.10 8.26 -31.62
N LEU B 159 7.41 8.28 -32.75
CA LEU B 159 6.37 9.27 -32.96
C LEU B 159 5.23 9.16 -31.99
N ILE B 160 4.76 7.94 -31.76
CA ILE B 160 3.62 7.76 -30.90
C ILE B 160 3.95 7.84 -29.41
N CYS B 161 5.06 7.25 -28.99
CA CYS B 161 5.39 7.14 -27.57
C CYS B 161 6.48 8.07 -27.06
N GLY B 162 7.00 8.93 -27.93
CA GLY B 162 8.14 9.76 -27.57
C GLY B 162 7.98 10.69 -26.39
N ALA B 163 9.05 10.85 -25.64
CA ALA B 163 9.09 11.74 -24.49
C ALA B 163 9.34 13.21 -24.83
N GLY B 164 10.10 13.45 -25.88
CA GLY B 164 10.41 14.79 -26.31
C GLY B 164 11.70 15.35 -25.75
N ARG B 165 12.33 16.23 -26.49
CA ARG B 165 13.59 16.83 -26.11
C ARG B 165 13.80 18.12 -26.89
N ILE B 166 14.61 19.03 -26.37
CA ILE B 166 15.02 20.18 -27.16
C ILE B 166 16.44 19.95 -27.59
N HIS B 167 16.74 20.16 -28.86
CA HIS B 167 18.09 19.88 -29.33
C HIS B 167 18.88 21.14 -29.55
N HIS B 168 20.06 21.20 -28.94
CA HIS B 168 20.95 22.33 -29.09
C HIS B 168 22.24 21.95 -29.78
N PRO B 169 22.51 22.58 -30.93
CA PRO B 169 23.74 22.33 -31.67
C PRO B 169 24.95 22.95 -31.00
N ASN B 170 26.07 22.23 -31.11
CA ASN B 170 27.34 22.75 -30.66
C ASN B 170 28.13 23.33 -31.83
N PRO B 171 28.69 24.53 -31.65
CA PRO B 171 29.54 25.15 -32.67
C PRO B 171 30.75 24.30 -33.07
N SER B 177 25.51 18.76 -39.67
CA SER B 177 24.99 18.75 -38.31
C SER B 177 23.49 19.07 -38.29
N PHE B 178 22.92 19.20 -37.11
CA PHE B 178 21.48 19.42 -36.93
C PHE B 178 21.16 20.75 -36.30
N PRO B 179 20.07 21.39 -36.75
CA PRO B 179 19.65 22.66 -36.18
C PRO B 179 18.95 22.53 -34.83
N LEU B 180 18.58 23.67 -34.29
CA LEU B 180 17.84 23.74 -33.05
C LEU B 180 16.36 23.50 -33.27
N GLY B 181 15.79 22.57 -32.52
CA GLY B 181 14.38 22.30 -32.63
C GLY B 181 13.85 21.35 -31.58
N TYR B 182 12.54 21.30 -31.44
CA TYR B 182 11.94 20.30 -30.59
C TYR B 182 11.98 18.97 -31.31
N CYS B 183 12.37 17.95 -30.56
CA CYS B 183 12.56 16.60 -31.03
C CYS B 183 11.55 15.74 -30.29
N ILE B 184 10.89 14.83 -30.99
CA ILE B 184 9.94 13.97 -30.34
C ILE B 184 10.61 12.92 -29.45
N SER B 185 11.80 12.50 -29.82
CA SER B 185 12.52 11.47 -29.09
C SER B 185 13.91 11.89 -28.63
N GLN B 186 14.21 11.62 -27.37
CA GLN B 186 15.55 11.82 -26.82
C GLN B 186 16.62 10.86 -27.31
N ARG B 187 16.28 9.58 -27.42
CA ARG B 187 17.25 8.52 -27.63
C ARG B 187 17.78 8.35 -29.04
N SER B 188 17.08 8.89 -30.03
CA SER B 188 17.36 8.57 -31.43
C SER B 188 18.79 8.88 -31.88
N ASP B 189 19.29 10.05 -31.54
CA ASP B 189 20.62 10.45 -31.98
C ASP B 189 21.65 9.53 -31.37
N HIS B 190 21.48 9.22 -30.10
CA HIS B 190 22.41 8.38 -29.37
C HIS B 190 22.39 6.93 -29.82
N VAL B 191 21.21 6.42 -30.13
CA VAL B 191 21.10 5.08 -30.65
C VAL B 191 21.81 5.04 -31.99
N TRP B 192 21.63 6.10 -32.77
CA TRP B 192 22.29 6.20 -34.04
C TRP B 192 23.79 6.18 -33.86
N GLU B 193 24.28 6.88 -32.85
CA GLU B 193 25.71 6.88 -32.58
C GLU B 193 26.15 5.47 -32.22
N GLY B 194 25.34 4.77 -31.45
CA GLY B 194 25.69 3.43 -31.03
C GLY B 194 25.78 2.40 -32.13
N VAL B 195 24.83 2.42 -33.05
CA VAL B 195 24.92 1.51 -34.17
C VAL B 195 25.98 1.94 -35.17
N SER B 196 26.08 3.25 -35.41
CA SER B 196 27.02 3.76 -36.40
C SER B 196 28.48 3.63 -35.97
N SER B 197 28.77 4.08 -34.76
CA SER B 197 30.12 3.99 -34.23
C SER B 197 30.55 2.54 -34.03
N ALA B 198 31.83 2.27 -34.22
CA ALA B 198 32.36 0.94 -34.06
C ALA B 198 32.77 0.69 -32.62
N SER B 202 29.69 -1.61 -30.51
CA SER B 202 28.54 -1.42 -31.40
C SER B 202 27.30 -2.09 -30.84
N ARG B 203 26.43 -1.30 -30.20
CA ARG B 203 25.25 -1.86 -29.55
C ARG B 203 24.03 -1.89 -30.46
N PRO B 204 23.39 -3.07 -30.54
CA PRO B 204 22.25 -3.32 -31.41
C PRO B 204 20.98 -2.78 -30.80
N ILE B 205 20.01 -2.48 -31.64
CA ILE B 205 18.73 -2.01 -31.14
C ILE B 205 17.97 -3.12 -30.44
N ILE B 206 17.99 -4.33 -31.01
CA ILE B 206 17.34 -5.47 -30.39
C ILE B 206 18.27 -6.67 -30.29
N ASN B 207 18.31 -7.30 -29.13
CA ASN B 207 19.07 -8.53 -28.98
C ASN B 207 18.31 -9.64 -28.27
N THR B 208 18.28 -10.81 -28.89
CA THR B 208 17.70 -11.99 -28.25
C THR B 208 18.73 -12.93 -27.65
N ARG B 209 20.00 -12.66 -27.88
CA ARG B 209 21.09 -13.53 -27.48
C ARG B 209 21.40 -13.52 -25.98
N ASP B 210 21.20 -12.40 -25.28
CA ASP B 210 21.52 -12.34 -23.85
C ASP B 210 20.71 -13.36 -23.07
N GLU B 211 21.19 -13.72 -21.89
CA GLU B 211 20.55 -14.77 -21.12
C GLU B 211 19.10 -14.48 -20.82
N PRO B 212 18.25 -15.46 -21.10
CA PRO B 212 16.79 -15.40 -21.04
C PRO B 212 16.26 -15.21 -19.66
N HIS B 213 16.97 -15.72 -18.66
CA HIS B 213 16.50 -15.76 -17.28
C HIS B 213 15.29 -16.66 -17.21
N ALA B 214 15.23 -17.56 -18.18
CA ALA B 214 14.24 -18.61 -18.23
C ALA B 214 14.90 -19.83 -18.84
N ASP B 215 14.22 -20.96 -18.80
CA ASP B 215 14.75 -22.20 -19.35
C ASP B 215 15.12 -21.98 -20.80
N SER B 216 16.35 -22.34 -21.13
CA SER B 216 16.94 -22.02 -22.42
C SER B 216 16.25 -22.72 -23.57
N HIS B 217 15.81 -23.93 -23.33
CA HIS B 217 15.13 -24.71 -24.33
C HIS B 217 13.80 -24.08 -24.71
N SER B 218 13.06 -23.66 -23.70
CA SER B 218 11.76 -23.03 -23.92
C SER B 218 11.81 -21.59 -24.43
N TYR B 219 12.66 -20.75 -23.85
CA TYR B 219 12.54 -19.32 -24.12
C TYR B 219 13.82 -18.54 -24.38
N ARG B 220 13.61 -17.35 -24.94
CA ARG B 220 14.63 -16.33 -25.10
C ARG B 220 14.11 -15.01 -24.57
N ARG B 221 15.03 -14.09 -24.31
CA ARG B 221 14.66 -12.75 -23.89
C ARG B 221 15.04 -11.71 -24.94
N LEU B 222 14.06 -10.91 -25.34
CA LEU B 222 14.28 -9.87 -26.31
C LEU B 222 14.48 -8.54 -25.64
N HIS B 223 15.59 -7.90 -25.96
CA HIS B 223 16.01 -6.67 -25.31
C HIS B 223 15.94 -5.49 -26.26
N VAL B 224 15.21 -4.45 -25.87
CA VAL B 224 15.03 -3.27 -26.69
C VAL B 224 15.52 -2.00 -26.01
N ILE B 225 16.48 -1.34 -26.64
CA ILE B 225 17.08 -0.12 -26.13
C ILE B 225 16.57 1.17 -26.75
N VAL B 226 15.71 1.06 -27.75
CA VAL B 226 15.36 2.21 -28.57
C VAL B 226 14.51 3.26 -27.86
N GLY B 227 13.69 2.85 -26.91
CA GLY B 227 12.71 3.72 -26.29
C GLY B 227 13.16 4.81 -25.36
N ASP B 228 12.36 5.86 -25.26
CA ASP B 228 12.55 6.92 -24.28
C ASP B 228 11.98 6.50 -22.93
N ALA B 229 12.50 7.07 -21.85
CA ALA B 229 11.85 6.94 -20.57
C ALA B 229 10.60 7.79 -20.54
N ASN B 230 9.51 7.25 -20.01
CA ASN B 230 8.23 7.91 -20.07
C ASN B 230 7.67 8.24 -18.70
N MET B 231 7.28 9.50 -18.53
CA MET B 231 6.61 9.93 -17.31
C MET B 231 5.13 9.57 -17.24
N ALA B 232 4.41 9.77 -18.33
CA ALA B 232 2.97 9.54 -18.32
C ALA B 232 2.65 8.08 -18.55
N GLU B 233 1.74 7.56 -17.75
CA GLU B 233 1.40 6.15 -17.81
C GLU B 233 0.84 5.71 -19.17
N PRO B 234 -0.04 6.52 -19.78
CA PRO B 234 -0.53 6.10 -21.09
C PRO B 234 0.54 5.98 -22.13
N SER B 235 1.58 6.80 -22.04
CA SER B 235 2.67 6.74 -22.98
C SER B 235 3.39 5.40 -22.87
N ILE B 236 3.61 4.97 -21.64
CA ILE B 236 4.24 3.69 -21.38
C ILE B 236 3.39 2.56 -21.93
N ALA B 237 2.10 2.64 -21.62
CA ALA B 237 1.13 1.65 -22.06
C ALA B 237 1.10 1.53 -23.55
N LEU B 238 1.17 2.66 -24.23
CA LEU B 238 1.18 2.66 -25.67
C LEU B 238 2.44 2.01 -26.20
N LYS B 239 3.57 2.36 -25.63
CA LYS B 239 4.82 1.84 -26.14
C LYS B 239 4.95 0.33 -25.99
N VAL B 240 4.75 -0.13 -24.77
CA VAL B 240 4.85 -1.55 -24.48
C VAL B 240 3.73 -2.32 -25.14
N GLY B 241 2.52 -1.78 -25.10
CA GLY B 241 1.37 -2.45 -25.65
C GLY B 241 1.42 -2.60 -27.15
N SER B 242 1.86 -1.56 -27.83
CA SER B 242 2.02 -1.61 -29.26
C SER B 242 3.05 -2.66 -29.61
N THR B 243 4.14 -2.64 -28.85
CA THR B 243 5.19 -3.60 -29.09
C THR B 243 4.69 -5.04 -28.89
N LEU B 244 3.86 -5.22 -27.87
CA LEU B 244 3.23 -6.50 -27.58
C LEU B 244 2.33 -6.97 -28.70
N LEU B 245 1.53 -6.08 -29.23
CA LEU B 245 0.64 -6.42 -30.34
C LEU B 245 1.41 -6.84 -31.55
N VAL B 246 2.51 -6.14 -31.83
CA VAL B 246 3.33 -6.52 -32.96
C VAL B 246 3.92 -7.90 -32.75
N LEU B 247 4.39 -8.16 -31.55
CA LEU B 247 4.95 -9.47 -31.24
C LEU B 247 3.91 -10.57 -31.40
N GLU B 248 2.71 -10.29 -30.93
CA GLU B 248 1.62 -11.23 -31.02
C GLU B 248 1.29 -11.51 -32.47
N MET B 249 1.23 -10.48 -33.29
CA MET B 249 0.92 -10.66 -34.70
C MET B 249 1.97 -11.49 -35.39
N ILE B 250 3.24 -11.24 -35.07
CA ILE B 250 4.31 -12.02 -35.67
C ILE B 250 4.22 -13.47 -35.26
N GLU B 251 3.94 -13.70 -33.99
CA GLU B 251 3.86 -15.06 -33.49
C GLU B 251 2.71 -15.82 -34.12
N ALA B 252 1.58 -15.15 -34.31
CA ALA B 252 0.40 -15.79 -34.86
C ALA B 252 0.48 -15.97 -36.37
N ASP B 253 1.52 -15.42 -36.97
CA ASP B 253 1.68 -15.44 -38.42
C ASP B 253 0.49 -14.75 -39.04
N PHE B 254 0.08 -13.64 -38.44
CA PHE B 254 -1.10 -12.92 -38.89
C PHE B 254 -0.97 -12.37 -40.29
N GLY B 255 0.25 -12.22 -40.76
CA GLY B 255 0.47 -11.72 -42.10
C GLY B 255 0.68 -10.22 -42.20
N LEU B 256 1.17 -9.63 -41.13
CA LEU B 256 1.59 -8.24 -41.19
C LEU B 256 2.69 -8.18 -42.23
N PRO B 257 2.63 -7.21 -43.12
CA PRO B 257 3.59 -7.15 -44.21
C PRO B 257 5.00 -6.87 -43.72
N SER B 258 5.97 -7.44 -44.40
CA SER B 258 7.33 -7.17 -44.06
C SER B 258 7.80 -5.88 -44.71
N LEU B 259 8.16 -4.90 -43.90
CA LEU B 259 8.69 -3.70 -44.50
C LEU B 259 10.12 -3.59 -44.08
N GLU B 260 11.03 -4.18 -44.82
CA GLU B 260 12.39 -4.26 -44.34
C GLU B 260 13.16 -3.06 -44.79
N LEU B 261 14.02 -2.54 -43.93
CA LEU B 261 14.68 -1.28 -44.22
C LEU B 261 16.07 -1.54 -44.72
N ALA B 262 16.52 -0.72 -45.65
CA ALA B 262 17.85 -0.84 -46.19
C ALA B 262 18.87 -0.57 -45.10
N ASN B 263 18.62 0.46 -44.32
CA ASN B 263 19.42 0.77 -43.15
C ASN B 263 18.51 1.18 -42.03
N ASP B 264 18.60 0.47 -40.90
CA ASP B 264 17.68 0.70 -39.79
C ASP B 264 17.82 2.10 -39.19
N ILE B 265 19.05 2.57 -39.06
CA ILE B 265 19.33 3.82 -38.38
C ILE B 265 19.47 5.00 -39.31
N ALA B 266 19.23 4.78 -40.59
CA ALA B 266 19.46 5.82 -41.58
C ALA B 266 18.62 7.08 -41.36
N SER B 267 17.32 6.91 -41.19
CA SER B 267 16.44 8.05 -41.04
C SER B 267 16.01 8.36 -39.62
N ILE B 268 16.49 7.59 -38.66
CA ILE B 268 15.98 7.63 -37.29
C ILE B 268 16.07 9.01 -36.63
N ARG B 269 17.20 9.68 -36.84
CA ARG B 269 17.40 11.00 -36.28
C ARG B 269 16.43 11.97 -36.94
N GLU B 270 16.32 11.83 -38.25
CA GLU B 270 15.45 12.67 -39.05
C GLU B 270 14.02 12.48 -38.61
N ILE B 271 13.68 11.24 -38.32
CA ILE B 271 12.36 10.93 -37.82
C ILE B 271 12.13 11.65 -36.51
N SER B 272 13.17 11.69 -35.69
CA SER B 272 13.06 12.39 -34.41
C SER B 272 12.75 13.86 -34.62
N ARG B 273 13.37 14.46 -35.63
CA ARG B 273 13.15 15.87 -35.91
C ARG B 273 11.75 16.20 -36.44
N ASP B 274 11.15 15.31 -37.22
CA ASP B 274 9.87 15.62 -37.88
C ASP B 274 8.62 15.05 -37.21
N ALA B 275 7.78 15.94 -36.72
CA ALA B 275 6.49 15.60 -36.12
C ALA B 275 5.44 15.09 -37.12
N THR B 276 5.49 15.57 -38.35
CA THR B 276 4.53 15.16 -39.37
C THR B 276 4.59 13.68 -39.70
N GLY B 277 5.77 13.09 -39.55
CA GLY B 277 5.97 11.69 -39.88
C GLY B 277 6.14 11.54 -41.37
N SER B 278 6.47 12.64 -42.01
CA SER B 278 6.66 12.71 -43.44
C SER B 278 8.02 12.23 -43.89
N THR B 279 8.87 11.90 -42.93
CA THR B 279 10.22 11.46 -43.26
C THR B 279 10.15 10.19 -44.09
N LEU B 280 11.01 10.08 -45.08
CA LEU B 280 10.94 8.96 -46.00
C LEU B 280 12.01 7.92 -45.73
N LEU B 281 11.57 6.68 -45.64
CA LEU B 281 12.45 5.56 -45.37
C LEU B 281 12.64 4.71 -46.60
N SER B 282 13.88 4.32 -46.84
CA SER B 282 14.18 3.42 -47.94
C SER B 282 14.07 1.97 -47.49
N LEU B 283 13.15 1.24 -48.11
CA LEU B 283 12.99 -0.17 -47.84
C LEU B 283 13.97 -1.00 -48.64
N LYS B 284 14.22 -2.21 -48.17
CA LYS B 284 15.12 -3.12 -48.88
C LYS B 284 14.60 -3.45 -50.27
N ASP B 285 13.29 -3.59 -50.42
CA ASP B 285 12.70 -3.87 -51.72
C ASP B 285 12.89 -2.71 -52.69
N GLY B 286 13.17 -1.54 -52.14
CA GLY B 286 13.36 -0.35 -52.94
C GLY B 286 12.14 0.55 -52.98
N THR B 287 11.07 0.12 -52.35
CA THR B 287 9.94 1.00 -52.19
C THR B 287 10.25 2.02 -51.11
N THR B 288 9.60 3.16 -51.15
CA THR B 288 9.83 4.16 -50.14
C THR B 288 8.54 4.56 -49.44
N MET B 289 8.52 4.54 -48.12
CA MET B 289 7.36 4.98 -47.38
C MET B 289 7.71 5.93 -46.24
N THR B 290 6.80 6.83 -45.92
CA THR B 290 6.95 7.70 -44.77
C THR B 290 6.74 6.92 -43.49
N ALA B 291 7.32 7.40 -42.40
CA ALA B 291 7.20 6.75 -41.11
C ALA B 291 5.77 6.63 -40.65
N LEU B 292 4.99 7.66 -40.91
CA LEU B 292 3.60 7.71 -40.55
C LEU B 292 2.86 6.58 -41.24
N GLN B 293 3.25 6.32 -42.48
CA GLN B 293 2.66 5.25 -43.26
C GLN B 293 2.96 3.92 -42.63
N ILE B 294 4.19 3.76 -42.16
CA ILE B 294 4.60 2.53 -41.50
C ILE B 294 3.77 2.27 -40.27
N GLN B 295 3.66 3.30 -39.45
CA GLN B 295 2.87 3.22 -38.24
C GLN B 295 1.42 2.90 -38.59
N GLN B 296 0.93 3.49 -39.68
CA GLN B 296 -0.43 3.30 -40.11
C GLN B 296 -0.73 1.87 -40.52
N VAL B 297 0.19 1.27 -41.26
CA VAL B 297 0.02 -0.11 -41.69
C VAL B 297 0.02 -1.03 -40.48
N VAL B 298 1.01 -0.84 -39.63
CA VAL B 298 1.11 -1.66 -38.43
C VAL B 298 -0.12 -1.53 -37.55
N PHE B 299 -0.59 -0.30 -37.42
CA PHE B 299 -1.78 -0.04 -36.62
C PHE B 299 -3.03 -0.68 -37.19
N GLU B 300 -3.20 -0.61 -38.51
CA GLU B 300 -4.38 -1.19 -39.12
C GLU B 300 -4.38 -2.69 -38.91
N HIS B 301 -3.24 -3.31 -39.17
CA HIS B 301 -3.16 -4.74 -38.96
C HIS B 301 -3.37 -5.13 -37.52
N ALA B 302 -2.85 -4.33 -36.60
CA ALA B 302 -3.04 -4.60 -35.19
C ALA B 302 -4.52 -4.55 -34.84
N SER B 303 -5.21 -3.60 -35.44
CA SER B 303 -6.63 -3.45 -35.25
C SER B 303 -7.39 -4.68 -35.73
N LYS B 304 -6.97 -5.24 -36.87
CA LYS B 304 -7.58 -6.48 -37.31
C LYS B 304 -7.30 -7.59 -36.30
N TRP B 305 -6.06 -7.64 -35.87
CA TRP B 305 -5.59 -8.66 -34.97
C TRP B 305 -6.43 -8.70 -33.70
N LEU B 306 -6.79 -7.54 -33.19
CA LEU B 306 -7.60 -7.49 -31.98
C LEU B 306 -8.94 -8.17 -32.19
N GLU B 307 -9.49 -8.04 -33.39
CA GLU B 307 -10.71 -8.77 -33.69
C GLU B 307 -10.41 -10.25 -33.67
N GLN B 308 -9.27 -10.61 -34.24
CA GLN B 308 -8.80 -12.00 -34.21
C GLN B 308 -8.35 -12.52 -32.85
N ARG B 309 -7.73 -11.65 -32.05
CA ARG B 309 -7.01 -12.05 -30.85
C ARG B 309 -7.88 -12.66 -29.78
N PRO B 310 -7.51 -13.86 -29.32
CA PRO B 310 -8.22 -14.56 -28.26
C PRO B 310 -7.85 -14.12 -26.85
N GLU B 311 -8.81 -14.07 -25.94
CA GLU B 311 -8.53 -13.67 -24.58
C GLU B 311 -7.67 -14.69 -23.89
N PRO B 312 -6.71 -14.23 -23.09
CA PRO B 312 -5.87 -15.14 -22.33
C PRO B 312 -6.66 -15.83 -21.25
N GLU B 313 -6.48 -17.13 -21.07
CA GLU B 313 -7.23 -17.85 -20.05
C GLU B 313 -6.86 -17.42 -18.65
N PHE B 314 -5.58 -17.21 -18.43
CA PHE B 314 -5.11 -16.79 -17.13
C PHE B 314 -4.27 -15.54 -17.28
N SER B 315 -4.65 -14.50 -16.54
CA SER B 315 -3.87 -13.28 -16.49
C SER B 315 -3.62 -12.68 -17.87
N GLY B 316 -2.38 -12.23 -18.09
CA GLY B 316 -2.01 -11.68 -19.37
C GLY B 316 -2.59 -10.30 -19.56
N THR B 317 -2.60 -9.83 -20.80
CA THR B 317 -3.21 -8.55 -21.09
C THR B 317 -4.55 -8.76 -21.79
N SER B 318 -5.61 -8.27 -21.17
CA SER B 318 -6.95 -8.52 -21.66
C SER B 318 -7.21 -7.82 -22.97
N ASN B 319 -8.18 -8.32 -23.72
CA ASN B 319 -8.51 -7.72 -24.99
C ASN B 319 -9.03 -6.30 -24.82
N THR B 320 -9.71 -6.05 -23.71
CA THR B 320 -10.20 -4.72 -23.39
C THR B 320 -9.07 -3.71 -23.29
N GLU B 321 -8.03 -4.10 -22.58
CA GLU B 321 -6.89 -3.24 -22.37
C GLU B 321 -6.19 -2.95 -23.68
N MET B 322 -6.07 -3.98 -24.51
CA MET B 322 -5.49 -3.84 -25.82
C MET B 322 -6.32 -2.90 -26.68
N ALA B 323 -7.63 -2.94 -26.49
CA ALA B 323 -8.53 -2.01 -27.15
C ALA B 323 -8.23 -0.59 -26.73
N ARG B 324 -7.94 -0.42 -25.44
CA ARG B 324 -7.59 0.89 -24.93
C ARG B 324 -6.34 1.39 -25.61
N VAL B 325 -5.37 0.51 -25.71
CA VAL B 325 -4.10 0.83 -26.34
C VAL B 325 -4.31 1.23 -27.78
N LEU B 326 -5.09 0.45 -28.50
CA LEU B 326 -5.34 0.76 -29.89
C LEU B 326 -6.10 2.06 -30.04
N ASP B 327 -6.98 2.37 -29.10
CA ASP B 327 -7.69 3.63 -29.17
C ASP B 327 -6.70 4.78 -29.09
N LEU B 328 -5.81 4.69 -28.11
CA LEU B 328 -4.79 5.73 -27.99
C LEU B 328 -3.91 5.82 -29.21
N TRP B 329 -3.52 4.67 -29.74
CA TRP B 329 -2.64 4.59 -30.89
C TRP B 329 -3.27 5.23 -32.10
N GLY B 330 -4.55 4.95 -32.29
CA GLY B 330 -5.29 5.52 -33.40
C GLY B 330 -5.43 7.00 -33.27
N ARG B 331 -5.76 7.46 -32.07
CA ARG B 331 -5.91 8.89 -31.85
C ARG B 331 -4.59 9.60 -32.10
N MET B 332 -3.49 8.95 -31.74
CA MET B 332 -2.19 9.55 -31.96
C MET B 332 -1.83 9.63 -33.44
N LEU B 333 -2.07 8.57 -34.18
CA LEU B 333 -1.76 8.57 -35.59
C LEU B 333 -2.58 9.64 -36.30
N LYS B 334 -3.86 9.68 -35.97
CA LYS B 334 -4.72 10.70 -36.54
C LYS B 334 -4.27 12.11 -36.18
N ALA B 335 -3.83 12.31 -34.94
CA ALA B 335 -3.35 13.62 -34.52
C ALA B 335 -2.15 14.03 -35.33
N ILE B 336 -1.26 13.07 -35.57
CA ILE B 336 -0.06 13.35 -36.32
C ILE B 336 -0.42 13.74 -37.74
N GLU B 337 -1.37 13.03 -38.33
CA GLU B 337 -1.78 13.36 -39.68
C GLU B 337 -2.44 14.72 -39.78
N SER B 338 -3.40 14.97 -38.92
CA SER B 338 -4.15 16.22 -38.90
C SER B 338 -3.34 17.41 -38.46
N GLY B 339 -2.52 17.20 -37.44
CA GLY B 339 -1.83 18.30 -36.81
C GLY B 339 -2.61 18.84 -35.64
N ASP B 340 -3.69 18.15 -35.28
CA ASP B 340 -4.48 18.55 -34.14
C ASP B 340 -4.29 17.55 -33.01
N PHE B 341 -3.57 17.99 -31.98
CA PHE B 341 -3.18 17.09 -30.91
C PHE B 341 -4.06 17.23 -29.70
N SER B 342 -5.12 18.01 -29.81
CA SER B 342 -5.97 18.34 -28.68
C SER B 342 -6.53 17.11 -27.98
N GLU B 343 -6.80 16.07 -28.76
CA GLU B 343 -7.32 14.84 -28.20
C GLU B 343 -6.32 14.08 -27.34
N VAL B 344 -5.07 14.03 -27.79
CA VAL B 344 -4.06 13.22 -27.12
C VAL B 344 -3.11 13.95 -26.19
N ASP B 345 -3.29 15.26 -26.03
CA ASP B 345 -2.34 16.09 -25.30
C ASP B 345 -2.23 15.77 -23.82
N THR B 346 -3.17 14.99 -23.30
CA THR B 346 -3.06 14.45 -21.95
C THR B 346 -2.22 13.18 -21.89
N GLU B 347 -2.37 12.34 -22.91
CA GLU B 347 -1.75 11.02 -22.93
C GLU B 347 -0.26 10.91 -23.28
N ILE B 348 0.19 11.64 -24.27
CA ILE B 348 1.52 11.39 -24.83
C ILE B 348 2.56 12.42 -24.41
N ASP B 349 3.69 11.94 -23.90
CA ASP B 349 4.66 12.78 -23.24
C ASP B 349 5.24 13.92 -24.07
N TRP B 350 5.65 13.67 -25.31
CA TRP B 350 6.24 14.73 -26.10
C TRP B 350 5.23 15.82 -26.45
N VAL B 351 3.98 15.43 -26.65
CA VAL B 351 2.91 16.40 -26.87
C VAL B 351 2.66 17.26 -25.63
N ILE B 352 2.62 16.62 -24.47
CA ILE B 352 2.39 17.32 -23.22
C ILE B 352 3.48 18.32 -22.97
N LYS B 353 4.71 17.85 -23.10
CA LYS B 353 5.89 18.64 -22.86
C LYS B 353 5.89 19.82 -23.80
N LYS B 354 5.57 19.56 -25.06
CA LYS B 354 5.54 20.63 -26.03
C LYS B 354 4.48 21.65 -25.69
N LYS B 355 3.35 21.19 -25.17
CA LYS B 355 2.27 22.09 -24.80
C LYS B 355 2.69 23.04 -23.70
N LEU B 356 3.32 22.49 -22.67
CA LEU B 356 3.78 23.30 -21.56
C LEU B 356 4.82 24.31 -22.03
N ILE B 357 5.75 23.82 -22.85
CA ILE B 357 6.78 24.66 -23.40
C ILE B 357 6.14 25.80 -24.19
N ASP B 358 5.07 25.47 -24.89
CA ASP B 358 4.32 26.45 -25.66
C ASP B 358 3.71 27.50 -24.77
N ARG B 359 3.24 27.09 -23.59
CA ARG B 359 2.72 28.06 -22.65
C ARG B 359 3.79 29.03 -22.21
N PHE B 360 4.98 28.50 -21.93
CA PHE B 360 6.07 29.35 -21.49
C PHE B 360 6.49 30.34 -22.56
N ILE B 361 6.60 29.83 -23.78
CA ILE B 361 6.97 30.64 -24.93
C ILE B 361 5.95 31.73 -25.16
N GLN B 362 4.67 31.35 -25.05
CA GLN B 362 3.60 32.29 -25.26
C GLN B 362 3.64 33.39 -24.21
N ARG B 363 3.91 33.01 -22.97
CA ARG B 363 3.95 33.99 -21.90
C ARG B 363 5.11 34.95 -22.06
N GLY B 364 6.27 34.43 -22.43
CA GLY B 364 7.45 35.28 -22.53
C GLY B 364 7.94 35.69 -23.91
N ASN B 365 7.28 35.19 -24.96
CA ASN B 365 7.77 35.37 -26.32
C ASN B 365 9.20 34.89 -26.42
N LEU B 366 9.43 33.75 -25.79
CA LEU B 366 10.75 33.18 -25.62
C LEU B 366 11.28 32.56 -26.89
N GLY B 367 12.60 32.60 -27.06
CA GLY B 367 13.22 31.84 -28.12
C GLY B 367 13.36 30.41 -27.66
N LEU B 368 13.57 29.48 -28.59
CA LEU B 368 13.79 28.09 -28.24
C LEU B 368 15.09 27.87 -27.48
N ASP B 369 16.09 28.70 -27.78
CA ASP B 369 17.39 28.62 -27.13
C ASP B 369 17.35 29.10 -25.69
N ASP B 370 16.20 29.62 -25.28
CA ASP B 370 16.00 30.15 -23.93
C ASP B 370 16.24 29.06 -22.88
N PRO B 371 17.07 29.37 -21.86
CA PRO B 371 17.43 28.39 -20.84
C PRO B 371 16.25 27.88 -20.04
N LYS B 372 15.27 28.74 -19.81
CA LYS B 372 14.11 28.35 -19.03
C LYS B 372 13.38 27.18 -19.68
N LEU B 373 13.32 27.20 -21.02
CA LEU B 373 12.66 26.15 -21.76
C LEU B 373 13.40 24.83 -21.61
N ALA B 374 14.72 24.88 -21.69
CA ALA B 374 15.55 23.71 -21.47
C ALA B 374 15.37 23.19 -20.06
N GLN B 375 15.19 24.13 -19.13
CA GLN B 375 14.93 23.79 -17.75
C GLN B 375 13.62 23.04 -17.63
N VAL B 376 12.63 23.47 -18.38
CA VAL B 376 11.36 22.78 -18.40
C VAL B 376 11.55 21.40 -18.98
N ASP B 377 12.38 21.33 -20.00
CA ASP B 377 12.68 20.06 -20.66
C ASP B 377 13.28 19.06 -19.70
N LEU B 378 14.19 19.51 -18.86
CA LEU B 378 14.83 18.65 -17.88
C LEU B 378 13.97 18.29 -16.69
N THR B 379 13.38 19.31 -16.07
CA THR B 379 12.68 19.17 -14.80
C THR B 379 11.38 18.40 -14.91
N TYR B 380 10.82 18.37 -16.10
CA TYR B 380 9.58 17.64 -16.35
C TYR B 380 9.74 16.18 -15.91
N HIS B 381 10.94 15.67 -16.13
CA HIS B 381 11.33 14.32 -15.77
C HIS B 381 11.65 14.07 -14.29
N ASP B 382 11.80 15.14 -13.52
CA ASP B 382 12.05 15.01 -12.08
C ASP B 382 10.92 14.29 -11.36
N ILE B 383 11.26 13.29 -10.56
CA ILE B 383 10.26 12.38 -10.03
C ILE B 383 9.72 12.74 -8.65
N ARG B 384 10.24 13.80 -8.04
CA ARG B 384 9.76 14.19 -6.74
C ARG B 384 8.38 14.79 -6.83
N PRO B 385 7.45 14.30 -6.02
CA PRO B 385 6.10 14.82 -6.00
C PRO B 385 6.04 16.26 -5.57
N GLY B 386 5.34 17.06 -6.34
CA GLY B 386 5.11 18.46 -6.05
C GLY B 386 6.24 19.37 -6.45
N ARG B 387 7.40 18.82 -6.74
CA ARG B 387 8.47 19.62 -7.32
C ARG B 387 8.59 19.33 -8.81
N GLY B 388 8.20 18.14 -9.22
CA GLY B 388 8.26 17.76 -10.61
C GLY B 388 7.16 18.41 -11.43
N LEU B 389 7.51 18.80 -12.65
CA LEU B 389 6.55 19.48 -13.50
C LEU B 389 5.43 18.53 -13.86
N PHE B 390 5.81 17.30 -14.13
CA PHE B 390 4.86 16.27 -14.46
C PHE B 390 3.92 16.07 -13.30
N SER B 391 4.47 16.12 -12.09
CA SER B 391 3.66 15.94 -10.89
C SER B 391 2.64 17.04 -10.76
N VAL B 392 3.05 18.26 -11.05
CA VAL B 392 2.18 19.41 -10.97
C VAL B 392 1.05 19.28 -11.95
N LEU B 393 1.41 18.93 -13.17
CA LEU B 393 0.45 18.80 -14.24
C LEU B 393 -0.58 17.77 -13.88
N GLN B 394 -0.12 16.66 -13.32
CA GLN B 394 -1.00 15.61 -12.91
C GLN B 394 -1.93 16.08 -11.80
N SER B 395 -1.39 16.83 -10.86
CA SER B 395 -2.18 17.34 -9.76
C SER B 395 -3.30 18.21 -10.25
N ARG B 396 -3.00 19.04 -11.24
CA ARG B 396 -4.01 19.87 -11.87
C ARG B 396 -5.03 19.01 -12.59
N GLY B 397 -4.63 17.80 -12.97
CA GLY B 397 -5.51 16.90 -13.67
C GLY B 397 -5.29 16.94 -15.17
N MET B 398 -4.27 17.66 -15.58
CA MET B 398 -3.92 17.81 -16.97
C MET B 398 -3.37 16.53 -17.59
N ILE B 399 -2.92 15.61 -16.75
CA ILE B 399 -2.41 14.32 -17.20
C ILE B 399 -3.39 13.18 -17.03
N LYS B 400 -3.47 12.33 -18.04
CA LYS B 400 -4.29 11.12 -17.99
C LYS B 400 -3.61 10.01 -17.20
N ARG B 401 -4.42 9.20 -16.54
CA ARG B 401 -3.91 8.08 -15.75
C ARG B 401 -4.34 6.74 -16.32
N TRP B 402 -3.38 5.85 -16.54
CA TRP B 402 -3.66 4.47 -16.87
C TRP B 402 -4.01 3.64 -15.64
N THR B 403 -3.36 3.93 -14.54
CA THR B 403 -3.51 3.13 -13.33
C THR B 403 -3.68 3.98 -12.09
N THR B 404 -4.23 3.40 -11.04
CA THR B 404 -4.44 4.10 -9.79
C THR B 404 -3.16 4.28 -9.01
N ASP B 405 -3.15 5.27 -8.15
CA ASP B 405 -2.01 5.55 -7.29
C ASP B 405 -1.78 4.41 -6.32
N GLU B 406 -2.89 3.93 -5.81
CA GLU B 406 -2.91 2.94 -4.75
C GLU B 406 -2.30 1.62 -5.20
N ALA B 407 -2.52 1.26 -6.45
CA ALA B 407 -1.92 0.07 -7.02
C ALA B 407 -0.42 0.17 -7.04
N ILE B 408 0.07 1.35 -7.36
CA ILE B 408 1.49 1.63 -7.36
C ILE B 408 2.04 1.47 -5.96
N LEU B 409 1.32 2.06 -5.01
CA LEU B 409 1.75 2.02 -3.63
C LEU B 409 1.81 0.60 -3.13
N ALA B 410 0.86 -0.21 -3.56
CA ALA B 410 0.88 -1.62 -3.22
C ALA B 410 2.07 -2.29 -3.86
N ALA B 411 2.36 -1.90 -5.09
CA ALA B 411 3.46 -2.48 -5.84
C ALA B 411 4.80 -2.24 -5.19
N VAL B 412 4.95 -1.12 -4.51
CA VAL B 412 6.22 -0.82 -3.84
C VAL B 412 6.56 -1.88 -2.81
N ASP B 413 5.56 -2.28 -2.04
CA ASP B 413 5.71 -3.26 -0.97
C ASP B 413 5.75 -4.72 -1.37
N THR B 414 4.86 -5.13 -2.28
CA THR B 414 4.66 -6.55 -2.54
C THR B 414 4.79 -6.93 -4.01
N ALA B 415 5.26 -8.14 -4.23
CA ALA B 415 5.57 -8.68 -5.55
C ALA B 415 4.36 -9.02 -6.40
N PRO B 416 4.54 -9.10 -7.72
CA PRO B 416 3.44 -9.52 -8.57
C PRO B 416 3.00 -10.93 -8.23
N ASP B 417 1.71 -11.13 -7.97
CA ASP B 417 1.19 -12.41 -7.54
C ASP B 417 1.18 -13.46 -8.65
N THR B 418 1.02 -13.01 -9.88
CA THR B 418 0.95 -13.88 -11.04
C THR B 418 2.27 -14.50 -11.50
N THR B 419 3.37 -13.78 -11.39
CA THR B 419 4.63 -14.25 -11.91
C THR B 419 5.54 -14.91 -10.90
N ARG B 420 6.71 -15.31 -11.38
CA ARG B 420 7.74 -15.92 -10.58
C ARG B 420 8.22 -15.00 -9.49
N ALA B 421 8.09 -13.71 -9.72
CA ALA B 421 8.57 -12.70 -8.81
C ALA B 421 7.97 -12.89 -7.44
N HIS B 422 6.72 -13.34 -7.44
CA HIS B 422 5.98 -13.54 -6.22
C HIS B 422 6.75 -14.46 -5.30
N LEU B 423 7.28 -15.53 -5.88
CA LEU B 423 8.01 -16.52 -5.14
C LEU B 423 9.21 -15.90 -4.49
N ARG B 424 9.92 -15.13 -5.29
CA ARG B 424 11.12 -14.47 -4.83
C ARG B 424 10.77 -13.58 -3.66
N GLY B 425 9.66 -12.87 -3.80
CA GLY B 425 9.26 -11.95 -2.77
C GLY B 425 9.03 -12.72 -1.50
N ARG B 426 8.39 -13.86 -1.62
CA ARG B 426 8.06 -14.66 -0.45
C ARG B 426 9.33 -14.99 0.28
N ILE B 427 10.35 -15.36 -0.47
CA ILE B 427 11.59 -15.71 0.17
C ILE B 427 12.18 -14.52 0.87
N LEU B 428 12.26 -13.39 0.17
CA LEU B 428 13.01 -12.27 0.72
C LEU B 428 12.38 -11.79 1.99
N LYS B 429 11.07 -11.66 1.96
CA LYS B 429 10.35 -11.15 3.09
C LYS B 429 10.65 -12.04 4.25
N ALA B 430 10.61 -13.33 3.99
CA ALA B 430 10.75 -14.28 5.06
C ALA B 430 12.10 -14.08 5.69
N ALA B 431 13.12 -13.94 4.86
CA ALA B 431 14.46 -13.81 5.37
C ALA B 431 14.52 -12.60 6.27
N ASP B 432 13.93 -11.52 5.79
CA ASP B 432 13.99 -10.25 6.50
C ASP B 432 13.37 -10.37 7.86
N THR B 433 12.29 -11.14 7.97
CA THR B 433 11.68 -11.29 9.27
C THR B 433 12.51 -12.23 10.10
N LEU B 434 12.98 -13.30 9.47
CA LEU B 434 13.74 -14.32 10.16
C LEU B 434 15.16 -13.89 10.48
N GLY B 435 15.74 -13.08 9.60
CA GLY B 435 17.10 -12.62 9.79
C GLY B 435 18.13 -13.59 9.28
N VAL B 436 17.73 -14.48 8.38
CA VAL B 436 18.67 -15.38 7.74
C VAL B 436 19.15 -14.82 6.40
N PRO B 437 20.46 -14.94 6.14
CA PRO B 437 21.06 -14.47 4.90
C PRO B 437 20.56 -15.27 3.71
N VAL B 438 20.26 -14.60 2.62
CA VAL B 438 19.76 -15.28 1.45
C VAL B 438 20.42 -14.69 0.20
N THR B 439 20.60 -15.52 -0.82
CA THR B 439 21.18 -15.05 -2.07
C THR B 439 20.20 -15.25 -3.21
N VAL B 440 19.91 -14.19 -3.93
CA VAL B 440 18.82 -14.24 -4.89
C VAL B 440 19.23 -13.73 -6.27
N ASP B 441 18.61 -14.29 -7.30
CA ASP B 441 18.84 -13.92 -8.68
C ASP B 441 17.51 -14.03 -9.40
N TRP B 442 17.49 -13.71 -10.68
CA TRP B 442 16.26 -13.86 -11.44
C TRP B 442 15.80 -15.29 -11.44
N MET B 443 16.71 -16.17 -11.83
CA MET B 443 16.44 -17.60 -11.85
C MET B 443 16.74 -18.29 -10.54
N ARG B 444 17.80 -17.88 -9.87
CA ARG B 444 18.35 -18.69 -8.80
C ARG B 444 18.22 -18.11 -7.41
N HIS B 445 17.67 -18.92 -6.51
CA HIS B 445 17.48 -18.50 -5.14
C HIS B 445 18.04 -19.51 -4.17
N LYS B 446 18.87 -19.08 -3.23
CA LYS B 446 19.44 -20.02 -2.28
C LYS B 446 19.56 -19.47 -0.87
N VAL B 447 19.54 -20.37 0.10
CA VAL B 447 19.74 -20.01 1.48
C VAL B 447 21.15 -20.35 1.88
N ASN B 448 21.92 -19.34 2.26
CA ASN B 448 23.33 -19.50 2.56
C ASN B 448 23.66 -20.34 3.80
N ARG B 449 22.91 -20.16 4.87
CA ARG B 449 23.23 -20.83 6.13
C ARG B 449 22.02 -21.36 6.88
N PRO B 450 22.23 -22.36 7.76
CA PRO B 450 23.49 -23.07 8.09
C PRO B 450 24.08 -23.92 6.98
N GLU B 451 23.26 -24.70 6.28
CA GLU B 451 23.72 -25.42 5.11
C GLU B 451 23.08 -24.85 3.86
N PRO B 452 23.89 -24.53 2.85
CA PRO B 452 23.35 -23.89 1.66
C PRO B 452 22.32 -24.74 0.96
N GLN B 453 21.16 -24.15 0.68
CA GLN B 453 20.11 -24.82 -0.07
C GLN B 453 19.65 -23.97 -1.22
N SER B 454 19.70 -24.52 -2.42
CA SER B 454 19.39 -23.76 -3.61
C SER B 454 18.23 -24.32 -4.42
N VAL B 455 17.33 -23.42 -4.78
CA VAL B 455 16.21 -23.71 -5.66
C VAL B 455 16.35 -22.86 -6.90
N GLU B 456 16.23 -23.47 -8.07
CA GLU B 456 16.26 -22.72 -9.31
C GLU B 456 14.89 -22.68 -9.97
N LEU B 457 14.40 -21.48 -10.23
CA LEU B 457 13.10 -21.34 -10.86
C LEU B 457 13.24 -21.06 -12.35
N GLY B 458 12.99 -22.09 -13.13
CA GLY B 458 13.05 -22.03 -14.57
C GLY B 458 11.89 -21.32 -15.20
N ASP B 459 10.73 -21.49 -14.60
CA ASP B 459 9.50 -20.98 -15.15
C ASP B 459 9.18 -19.63 -14.54
N PRO B 460 9.23 -18.58 -15.37
CA PRO B 460 8.88 -17.21 -15.02
C PRO B 460 7.39 -17.08 -14.72
N PHE B 461 6.60 -17.88 -15.41
CA PHE B 461 5.16 -17.86 -15.29
C PHE B 461 4.65 -18.44 -13.98
N SER B 462 5.32 -19.45 -13.47
CA SER B 462 4.85 -20.13 -12.28
C SER B 462 5.01 -19.33 -10.99
N ALA B 463 3.92 -19.17 -10.27
CA ALA B 463 3.93 -18.50 -8.97
C ALA B 463 3.93 -19.47 -7.81
N VAL B 464 3.86 -20.76 -8.11
CA VAL B 464 3.84 -21.75 -7.05
C VAL B 464 4.91 -22.80 -7.24
N ASN B 465 5.77 -22.94 -6.24
CA ASN B 465 6.78 -23.98 -6.21
C ASN B 465 6.87 -24.58 -4.83
N SER B 466 6.79 -25.91 -4.76
CA SER B 466 6.87 -26.62 -3.49
C SER B 466 8.23 -26.45 -2.83
N GLU B 467 9.26 -26.48 -3.65
CA GLU B 467 10.62 -26.38 -3.17
C GLU B 467 10.83 -25.07 -2.44
N VAL B 468 10.18 -24.02 -2.93
CA VAL B 468 10.25 -22.72 -2.28
C VAL B 468 9.62 -22.77 -0.90
N ASP B 469 8.49 -23.46 -0.81
CA ASP B 469 7.81 -23.63 0.46
C ASP B 469 8.70 -24.37 1.44
N GLN B 470 9.38 -25.39 0.95
CA GLN B 470 10.30 -26.14 1.78
C GLN B 470 11.45 -25.27 2.24
N LEU B 471 11.90 -24.39 1.36
CA LEU B 471 12.99 -23.49 1.67
C LEU B 471 12.63 -22.54 2.79
N ILE B 472 11.44 -21.95 2.66
CA ILE B 472 10.94 -21.04 3.67
C ILE B 472 10.71 -21.79 4.98
N GLU B 473 10.24 -23.02 4.87
CA GLU B 473 10.04 -23.88 6.03
C GLU B 473 11.34 -24.12 6.76
N TYR B 474 12.39 -24.33 5.99
CA TYR B 474 13.71 -24.58 6.50
C TYR B 474 14.19 -23.37 7.26
N MET B 475 13.97 -22.22 6.65
CA MET B 475 14.37 -20.96 7.23
C MET B 475 13.65 -20.75 8.55
N THR B 476 12.36 -21.06 8.55
CA THR B 476 11.53 -20.89 9.72
C THR B 476 12.01 -21.73 10.87
N VAL B 477 12.30 -22.98 10.57
CA VAL B 477 12.78 -23.92 11.57
C VAL B 477 14.09 -23.49 12.21
N HIS B 478 15.10 -23.27 11.37
CA HIS B 478 16.42 -22.94 11.87
C HIS B 478 16.56 -21.61 12.55
N ALA B 479 15.74 -20.64 12.14
CA ALA B 479 15.72 -19.34 12.79
C ALA B 479 15.66 -19.44 14.31
N SER B 491 18.74 -10.22 26.51
CA SER B 491 18.96 -9.23 25.48
C SER B 491 17.77 -8.33 25.35
N LEU B 492 16.60 -8.95 25.40
CA LEU B 492 15.34 -8.29 25.19
C LEU B 492 15.08 -7.23 26.26
N LEU B 493 15.36 -7.59 27.50
CA LEU B 493 15.16 -6.71 28.63
C LEU B 493 16.03 -5.48 28.56
N ASP B 494 17.25 -5.63 28.08
CA ASP B 494 18.13 -4.48 27.96
C ASP B 494 17.60 -3.51 26.94
N GLU B 495 17.14 -4.04 25.82
CA GLU B 495 16.58 -3.22 24.76
C GLU B 495 15.38 -2.45 25.28
N ILE B 496 14.51 -3.15 25.99
CA ILE B 496 13.32 -2.53 26.53
C ILE B 496 13.69 -1.46 27.53
N ASP B 497 14.69 -1.75 28.35
CA ASP B 497 15.15 -0.78 29.33
C ASP B 497 15.63 0.46 28.62
N GLY B 498 16.25 0.26 27.48
CA GLY B 498 16.71 1.38 26.68
C GLY B 498 15.54 2.21 26.24
N LEU B 499 14.48 1.54 25.81
CA LEU B 499 13.29 2.23 25.35
C LEU B 499 12.52 2.98 26.42
N LEU B 500 12.43 2.39 27.61
CA LEU B 500 11.60 2.94 28.67
C LEU B 500 12.16 4.18 29.32
N GLU B 501 11.27 5.09 29.69
CA GLU B 501 11.68 6.25 30.47
C GLU B 501 12.16 5.79 31.82
N ASN B 502 13.29 6.31 32.24
CA ASN B 502 13.96 5.82 33.43
C ASN B 502 13.18 6.00 34.70
N ASN B 503 12.48 7.12 34.83
CA ASN B 503 11.64 7.25 35.99
C ASN B 503 10.29 6.68 35.65
N ALA B 504 10.07 5.45 36.09
CA ALA B 504 8.86 4.72 35.78
C ALA B 504 7.69 5.21 36.58
N GLU B 505 7.93 5.42 37.87
CA GLU B 505 6.83 5.79 38.74
C GLU B 505 6.26 7.12 38.32
N GLU B 506 7.13 8.06 37.99
CA GLU B 506 6.65 9.36 37.58
C GLU B 506 5.95 9.28 36.24
N PHE B 507 6.45 8.42 35.36
CA PHE B 507 5.86 8.25 34.04
C PHE B 507 4.45 7.73 34.15
N VAL B 508 4.25 6.72 34.97
CA VAL B 508 2.94 6.14 35.21
C VAL B 508 2.02 7.09 35.94
N ARG B 509 2.56 7.74 36.96
CA ARG B 509 1.79 8.64 37.79
C ARG B 509 1.26 9.79 36.95
N SER B 510 2.09 10.24 36.02
CA SER B 510 1.77 11.34 35.15
C SER B 510 0.60 11.07 34.21
N TYR B 511 0.48 9.83 33.74
CA TYR B 511 -0.54 9.51 32.77
C TYR B 511 -1.92 9.61 33.38
N VAL B 512 -2.74 10.49 32.82
CA VAL B 512 -4.10 10.71 33.30
C VAL B 512 -4.98 11.01 32.10
N GLN B 513 -6.20 10.49 32.11
CA GLN B 513 -7.12 10.60 30.99
C GLN B 513 -8.55 10.73 31.49
N LYS B 514 -9.42 11.31 30.68
CA LYS B 514 -10.86 11.35 30.98
C LYS B 514 -11.57 10.24 30.24
N GLY B 515 -12.59 9.64 30.83
CA GLY B 515 -13.29 8.57 30.14
C GLY B 515 -14.20 9.06 29.04
N GLY B 516 -14.18 8.38 27.90
CA GLY B 516 -15.08 8.75 26.81
C GLY B 516 -16.30 7.85 26.71
N GLU B 517 -17.41 8.43 26.26
CA GLU B 517 -18.67 7.72 25.98
C GLU B 517 -19.00 6.65 27.01
#